data_7YRI
#
_entry.id   7YRI
#
_cell.length_a   64.080
_cell.length_b   78.892
_cell.length_c   98.892
_cell.angle_alpha   90.000
_cell.angle_beta   96.170
_cell.angle_gamma   90.000
#
_symmetry.space_group_name_H-M   'P 1 21 1'
#
loop_
_entity.id
_entity.type
_entity.pdbx_description
1 polymer 'S-adenosylmethionine sensor upstream of mTORC1'
2 non-polymer S-ADENOSYLMETHIONINE
3 water water
#
_entity_poly.entity_id   1
_entity_poly.type   'polypeptide(L)'
_entity_poly.pdbx_seq_one_letter_code
;ELQARSRIKWAIDYITKYFFTEGIYLQKRQREQRLLESYRAEGKLGEVQCRLMEEPPDRLHVLDVGSCFNPFSSAPHLEV
TALDLCPATEDVLQADFLKVEVVPGIREPELEEGSVRRLPASHYECVIFSLLLEYMPSAEQRLQCCLQAYDLLLPEGILV
LITPDSQHVGKNAHLMKNWRYSLARIGLLRVRFEKLPHISCMVFRKAISRELSQHWASIHREEGMCEEIRIPQDDS
;
_entity_poly.pdbx_strand_id   J,C,A,D
#
loop_
_chem_comp.id
_chem_comp.type
_chem_comp.name
_chem_comp.formula
SAM non-polymer S-ADENOSYLMETHIONINE 'C15 H22 N6 O5 S'
#
# COMPACT_ATOMS: atom_id res chain seq x y z
N ALA A 4 -12.14 -22.90 16.00
CA ALA A 4 -11.06 -22.21 15.29
C ALA A 4 -10.05 -23.21 14.73
N ARG A 5 -9.80 -23.12 13.43
CA ARG A 5 -8.91 -24.06 12.77
C ARG A 5 -7.45 -23.63 12.91
N SER A 6 -6.56 -24.60 12.77
CA SER A 6 -5.13 -24.38 12.91
C SER A 6 -4.51 -23.95 11.58
N ARG A 7 -3.52 -23.07 11.66
CA ARG A 7 -2.74 -22.72 10.49
C ARG A 7 -1.97 -23.91 9.96
N ILE A 8 -1.58 -24.83 10.85
CA ILE A 8 -0.81 -25.99 10.41
C ILE A 8 -1.69 -26.93 9.60
N LYS A 9 -2.97 -27.06 9.97
CA LYS A 9 -3.87 -27.89 9.18
C LYS A 9 -4.23 -27.20 7.87
N TRP A 10 -4.46 -25.89 7.91
CA TRP A 10 -4.78 -25.13 6.70
C TRP A 10 -3.69 -25.29 5.64
N ALA A 11 -2.42 -25.27 6.07
CA ALA A 11 -1.33 -25.35 5.11
C ALA A 11 -1.20 -26.75 4.52
N ILE A 12 -1.29 -27.79 5.36
CA ILE A 12 -1.26 -29.16 4.84
C ILE A 12 -2.41 -29.39 3.87
N ASP A 13 -3.56 -28.77 4.14
CA ASP A 13 -4.72 -28.96 3.28
C ASP A 13 -4.51 -28.32 1.91
N TYR A 14 -3.94 -27.11 1.87
CA TYR A 14 -3.74 -26.45 0.59
C TYR A 14 -2.67 -27.16 -0.22
N ILE A 15 -1.54 -27.51 0.42
CA ILE A 15 -0.47 -28.19 -0.30
C ILE A 15 -0.96 -29.50 -0.89
N THR A 16 -1.89 -30.17 -0.22
CA THR A 16 -2.45 -31.40 -0.78
C THR A 16 -3.37 -31.10 -1.96
N LYS A 17 -4.15 -30.02 -1.87
CA LYS A 17 -5.02 -29.63 -2.97
C LYS A 17 -4.21 -29.12 -4.15
N TYR A 18 -3.16 -28.35 -3.89
CA TYR A 18 -2.42 -27.70 -4.96
C TYR A 18 -1.66 -28.71 -5.81
N PHE A 19 -1.17 -29.80 -5.19
CA PHE A 19 -0.31 -30.76 -5.88
C PHE A 19 -1.00 -32.07 -6.20
N PHE A 20 -1.98 -32.51 -5.40
CA PHE A 20 -2.55 -33.84 -5.53
C PHE A 20 -4.06 -33.81 -5.76
N THR A 21 -4.86 -33.43 -4.76
CA THR A 21 -6.29 -33.71 -4.82
C THR A 21 -7.01 -32.81 -5.83
N GLU A 22 -6.58 -31.56 -5.99
CA GLU A 22 -7.24 -30.62 -6.87
C GLU A 22 -6.36 -30.12 -8.01
N GLY A 23 -5.06 -30.37 -7.98
CA GLY A 23 -4.20 -29.96 -9.07
C GLY A 23 -4.28 -28.48 -9.39
N ILE A 24 -4.24 -27.64 -8.35
CA ILE A 24 -4.28 -26.20 -8.57
C ILE A 24 -3.03 -25.72 -9.29
N TYR A 25 -1.95 -26.49 -9.27
CA TYR A 25 -0.77 -26.11 -10.03
C TYR A 25 -1.03 -26.14 -11.53
N LEU A 26 -1.96 -26.99 -11.99
CA LEU A 26 -2.28 -27.02 -13.41
C LEU A 26 -3.31 -25.96 -13.77
N GLN A 27 -4.22 -25.62 -12.85
CA GLN A 27 -5.18 -24.56 -13.15
C GLN A 27 -4.48 -23.21 -13.22
N LYS A 28 -3.52 -22.97 -12.33
CA LYS A 28 -2.80 -21.70 -12.34
C LYS A 28 -1.83 -21.63 -13.52
N ARG A 29 -1.32 -22.78 -13.98
CA ARG A 29 -0.49 -22.78 -15.18
C ARG A 29 -1.29 -22.32 -16.39
N GLN A 30 -2.47 -22.91 -16.60
CA GLN A 30 -3.27 -22.54 -17.76
C GLN A 30 -3.62 -21.06 -17.75
N ARG A 31 -3.86 -20.49 -16.55
CA ARG A 31 -4.16 -19.07 -16.47
C ARG A 31 -2.93 -18.24 -16.81
N GLU A 32 -1.81 -18.52 -16.15
CA GLU A 32 -0.60 -17.74 -16.40
C GLU A 32 -0.20 -17.80 -17.87
N GLN A 33 -0.49 -18.90 -18.54
CA GLN A 33 -0.24 -18.97 -19.98
C GLN A 33 -1.21 -18.06 -20.75
N ARG A 34 -2.44 -17.91 -20.25
CA ARG A 34 -3.39 -17.01 -20.89
C ARG A 34 -3.01 -15.55 -20.70
N LEU A 35 -2.53 -15.19 -19.51
CA LEU A 35 -2.09 -13.82 -19.28
C LEU A 35 -0.89 -13.48 -20.15
N LEU A 36 0.00 -14.45 -20.36
CA LEU A 36 1.17 -14.22 -21.21
C LEU A 36 0.76 -14.04 -22.67
N GLU A 37 -0.20 -14.83 -23.15
CA GLU A 37 -0.70 -14.63 -24.50
C GLU A 37 -1.34 -13.26 -24.65
N SER A 38 -2.09 -12.83 -23.64
CA SER A 38 -2.71 -11.51 -23.68
C SER A 38 -1.66 -10.40 -23.70
N TYR A 39 -0.75 -10.42 -22.73
CA TYR A 39 0.34 -9.46 -22.70
C TYR A 39 1.10 -9.44 -24.02
N ARG A 40 1.44 -10.64 -24.53
CA ARG A 40 2.15 -10.73 -25.80
C ARG A 40 1.39 -10.05 -26.93
N ALA A 41 0.06 -10.19 -26.95
CA ALA A 41 -0.76 -9.61 -28.00
C ALA A 41 -0.97 -8.11 -27.81
N GLU A 42 -0.66 -7.56 -26.64
CA GLU A 42 -0.63 -6.13 -26.44
C GLU A 42 0.75 -5.53 -26.70
N GLY A 43 1.73 -6.35 -27.05
CA GLY A 43 3.05 -5.87 -27.41
C GLY A 43 3.95 -5.49 -26.27
N LYS A 44 3.55 -5.74 -25.02
CA LYS A 44 4.30 -5.27 -23.86
C LYS A 44 5.20 -6.32 -23.24
N LEU A 45 5.16 -7.56 -23.70
CA LEU A 45 6.01 -8.61 -23.13
C LEU A 45 6.82 -9.30 -24.22
N GLY A 46 6.16 -10.05 -25.08
CA GLY A 46 6.85 -10.77 -26.14
C GLY A 46 7.43 -12.10 -25.70
N GLU A 47 8.65 -12.41 -26.15
CA GLU A 47 9.26 -13.68 -25.81
C GLU A 47 9.75 -13.69 -24.36
N VAL A 48 9.51 -14.80 -23.67
CA VAL A 48 9.94 -14.97 -22.29
C VAL A 48 10.28 -16.44 -22.06
N GLN A 49 11.03 -16.70 -20.98
CA GLN A 49 11.39 -18.05 -20.60
C GLN A 49 10.30 -18.63 -19.71
N CYS A 50 9.86 -19.85 -20.03
CA CYS A 50 8.79 -20.52 -19.28
C CYS A 50 9.30 -21.88 -18.83
N ARG A 51 9.25 -22.13 -17.53
CA ARG A 51 9.65 -23.40 -16.94
C ARG A 51 8.47 -23.96 -16.15
N LEU A 52 8.15 -25.23 -16.39
CA LEU A 52 6.99 -25.87 -15.79
C LEU A 52 7.42 -27.03 -14.92
N MET A 53 6.51 -27.43 -14.02
CA MET A 53 6.75 -28.52 -13.10
C MET A 53 6.29 -29.84 -13.71
N GLU A 54 7.07 -30.89 -13.48
CA GLU A 54 6.65 -32.23 -13.84
C GLU A 54 5.53 -32.69 -12.91
N GLU A 55 5.02 -33.89 -13.16
CA GLU A 55 4.02 -34.45 -12.27
C GLU A 55 4.58 -34.45 -10.85
N PRO A 56 3.85 -33.91 -9.87
CA PRO A 56 4.39 -33.83 -8.51
C PRO A 56 4.80 -35.21 -8.03
N PRO A 57 5.84 -35.29 -7.22
CA PRO A 57 6.25 -36.59 -6.67
C PRO A 57 5.23 -37.08 -5.66
N ASP A 58 5.36 -38.35 -5.30
CA ASP A 58 4.51 -38.90 -4.24
C ASP A 58 4.90 -38.36 -2.88
N ARG A 59 6.13 -37.84 -2.74
CA ARG A 59 6.60 -37.22 -1.50
C ARG A 59 7.14 -35.84 -1.86
N LEU A 60 6.48 -34.79 -1.39
CA LEU A 60 6.89 -33.43 -1.69
C LEU A 60 8.02 -32.99 -0.76
N HIS A 61 9.00 -32.30 -1.33
CA HIS A 61 10.10 -31.74 -0.55
C HIS A 61 9.65 -30.38 -0.01
N VAL A 62 9.43 -30.31 1.30
CA VAL A 62 8.96 -29.09 1.96
C VAL A 62 10.09 -28.53 2.82
N LEU A 63 10.29 -27.21 2.72
CA LEU A 63 11.25 -26.50 3.55
C LEU A 63 10.48 -25.61 4.53
N ASP A 64 10.60 -25.90 5.84
CA ASP A 64 9.91 -25.11 6.88
C ASP A 64 10.94 -24.26 7.61
N VAL A 65 11.00 -22.93 7.31
CA VAL A 65 11.97 -21.98 7.86
C VAL A 65 11.24 -21.22 8.96
N GLY A 66 11.77 -21.24 10.20
CA GLY A 66 11.08 -20.70 11.34
C GLY A 66 10.20 -21.72 12.00
N SER A 67 10.61 -23.00 11.97
CA SER A 67 9.89 -24.10 12.62
C SER A 67 10.43 -24.30 14.03
N CYS A 68 9.65 -23.94 15.07
CA CYS A 68 10.02 -24.19 16.44
C CYS A 68 10.12 -25.65 16.66
N PHE A 69 9.01 -26.40 16.41
CA PHE A 69 8.90 -27.85 16.42
C PHE A 69 8.88 -28.25 14.96
N ASN A 70 8.66 -29.53 14.62
CA ASN A 70 8.50 -29.87 13.19
C ASN A 70 7.01 -30.15 12.95
N PRO A 71 6.13 -29.14 12.98
CA PRO A 71 4.69 -29.44 12.83
C PRO A 71 4.34 -30.25 11.59
N PHE A 72 5.09 -30.08 10.50
CA PHE A 72 4.71 -30.65 9.21
C PHE A 72 5.37 -31.99 8.93
N SER A 73 6.28 -32.46 9.79
CA SER A 73 7.05 -33.65 9.44
C SER A 73 6.17 -34.89 9.34
N SER A 74 5.19 -35.03 10.23
CA SER A 74 4.35 -36.22 10.25
C SER A 74 3.31 -36.22 9.14
N ALA A 75 3.04 -35.07 8.53
CA ALA A 75 2.05 -35.01 7.47
C ALA A 75 2.40 -36.01 6.36
N PRO A 76 1.42 -36.70 5.80
CA PRO A 76 1.74 -37.68 4.75
C PRO A 76 2.19 -37.00 3.48
N HIS A 77 3.19 -37.58 2.82
CA HIS A 77 3.71 -37.13 1.54
C HIS A 77 4.46 -35.80 1.64
N LEU A 78 4.97 -35.46 2.81
CA LEU A 78 5.78 -34.27 3.02
C LEU A 78 7.09 -34.68 3.65
N GLU A 79 8.17 -34.68 2.86
CA GLU A 79 9.52 -34.83 3.37
C GLU A 79 10.03 -33.44 3.76
N VAL A 80 9.96 -33.14 5.06
CA VAL A 80 10.18 -31.79 5.57
C VAL A 80 11.63 -31.64 6.02
N THR A 81 12.24 -30.52 5.64
CA THR A 81 13.52 -30.09 6.18
C THR A 81 13.24 -28.84 7.01
N ALA A 82 13.46 -28.94 8.32
CA ALA A 82 13.07 -27.90 9.27
C ALA A 82 14.30 -27.13 9.72
N LEU A 83 14.21 -25.80 9.65
CA LEU A 83 15.31 -24.90 10.03
C LEU A 83 14.79 -23.87 11.03
N ASP A 84 15.66 -23.48 11.96
CA ASP A 84 15.26 -22.50 12.96
C ASP A 84 16.49 -21.87 13.58
N LEU A 85 16.35 -20.58 13.94
CA LEU A 85 17.43 -19.86 14.61
C LEU A 85 17.60 -20.33 16.05
N CYS A 86 16.52 -20.75 16.70
CA CYS A 86 16.56 -21.27 18.07
C CYS A 86 15.65 -22.48 18.13
N PRO A 87 16.10 -23.63 17.65
CA PRO A 87 15.23 -24.81 17.61
C PRO A 87 14.71 -25.17 18.99
N ALA A 88 13.45 -25.58 19.04
CA ALA A 88 12.84 -26.08 20.26
C ALA A 88 12.81 -27.60 20.32
N THR A 89 12.96 -28.28 19.20
CA THR A 89 13.01 -29.73 19.16
C THR A 89 14.28 -30.16 18.44
N GLU A 90 14.68 -31.39 18.68
CA GLU A 90 15.96 -31.87 18.18
C GLU A 90 15.94 -32.20 16.69
N ASP A 91 14.75 -32.47 16.13
CA ASP A 91 14.66 -32.75 14.70
C ASP A 91 14.82 -31.49 13.86
N VAL A 92 14.76 -30.30 14.47
CA VAL A 92 14.88 -29.04 13.75
C VAL A 92 16.35 -28.67 13.66
N LEU A 93 16.76 -28.22 12.48
CA LEU A 93 18.14 -27.83 12.26
C LEU A 93 18.34 -26.38 12.72
N GLN A 94 19.54 -26.11 13.22
CA GLN A 94 19.92 -24.75 13.61
C GLN A 94 20.34 -23.99 12.36
N ALA A 95 19.87 -22.75 12.24
CA ALA A 95 20.20 -21.95 11.07
C ALA A 95 19.65 -20.53 11.23
N ASP A 96 20.43 -19.55 10.81
CA ASP A 96 19.94 -18.22 10.51
C ASP A 96 19.69 -18.17 9.00
N PHE A 97 18.41 -18.16 8.61
CA PHE A 97 18.07 -18.19 7.19
C PHE A 97 18.71 -17.01 6.45
N LEU A 98 18.86 -15.86 7.11
CA LEU A 98 19.44 -14.70 6.46
C LEU A 98 20.86 -14.94 5.99
N LYS A 99 21.54 -15.95 6.54
CA LYS A 99 22.95 -16.21 6.23
C LYS A 99 23.12 -17.52 5.47
N VAL A 100 22.08 -17.95 4.75
CA VAL A 100 22.09 -19.20 4.01
C VAL A 100 22.30 -18.91 2.53
N GLU A 101 23.15 -19.70 1.89
CA GLU A 101 23.39 -19.62 0.46
C GLU A 101 22.56 -20.68 -0.26
N VAL A 102 21.94 -20.29 -1.37
CA VAL A 102 21.14 -21.19 -2.19
C VAL A 102 22.03 -21.68 -3.32
N VAL A 103 22.47 -22.93 -3.22
CA VAL A 103 23.52 -23.47 -4.08
C VAL A 103 22.88 -24.42 -5.08
N PRO A 104 23.05 -24.20 -6.38
CA PRO A 104 22.68 -25.24 -7.35
C PRO A 104 23.66 -26.39 -7.31
N GLY A 105 23.19 -27.57 -7.67
CA GLY A 105 24.04 -28.74 -7.76
C GLY A 105 24.17 -29.56 -6.49
N ILE A 106 23.39 -29.25 -5.45
CA ILE A 106 23.38 -30.03 -4.22
C ILE A 106 21.94 -30.41 -3.91
N ARG A 107 21.76 -31.24 -2.88
CA ARG A 107 20.44 -31.78 -2.55
C ARG A 107 20.12 -31.65 -1.07
N GLU A 108 21.13 -31.75 -0.23
CA GLU A 108 20.90 -31.74 1.20
C GLU A 108 21.47 -30.47 1.81
N PRO A 109 20.95 -30.03 2.96
CA PRO A 109 21.59 -28.90 3.65
C PRO A 109 23.03 -29.23 3.99
N GLU A 110 23.92 -28.27 3.76
CA GLU A 110 25.30 -28.38 4.17
C GLU A 110 25.52 -27.51 5.41
N LEU A 111 26.02 -28.11 6.47
CA LEU A 111 26.19 -27.44 7.75
C LEU A 111 27.66 -27.19 8.03
N GLU A 112 27.94 -26.09 8.73
CA GLU A 112 29.28 -25.77 9.17
C GLU A 112 29.20 -25.18 10.58
N GLU A 113 29.82 -25.88 11.53
CA GLU A 113 29.77 -25.50 12.94
C GLU A 113 28.37 -25.68 13.53
N GLY A 114 27.61 -26.64 13.00
CA GLY A 114 26.28 -26.93 13.50
C GLY A 114 25.15 -26.15 12.84
N SER A 115 25.45 -25.03 12.19
CA SER A 115 24.44 -24.24 11.52
C SER A 115 24.33 -24.61 10.05
N VAL A 116 23.12 -24.55 9.51
CA VAL A 116 22.93 -24.75 8.09
C VAL A 116 23.40 -23.50 7.36
N ARG A 117 24.37 -23.67 6.47
CA ARG A 117 24.90 -22.55 5.69
C ARG A 117 24.52 -22.60 4.23
N ARG A 118 24.22 -23.77 3.67
CA ARG A 118 23.93 -23.92 2.26
C ARG A 118 22.73 -24.84 2.05
N LEU A 119 21.81 -24.42 1.19
CA LEU A 119 20.63 -25.20 0.83
C LEU A 119 20.56 -25.39 -0.68
N PRO A 120 19.93 -26.46 -1.14
CA PRO A 120 19.87 -26.72 -2.58
C PRO A 120 18.88 -25.80 -3.28
N ALA A 121 19.30 -25.30 -4.44
CA ALA A 121 18.46 -24.43 -5.25
C ALA A 121 17.50 -25.25 -6.09
N SER A 122 16.36 -24.65 -6.43
CA SER A 122 15.33 -25.28 -7.24
C SER A 122 15.17 -26.74 -6.88
N HIS A 123 14.75 -26.96 -5.63
CA HIS A 123 14.72 -28.28 -5.03
C HIS A 123 13.42 -28.59 -4.28
N TYR A 124 12.71 -27.58 -3.79
CA TYR A 124 11.58 -27.77 -2.89
C TYR A 124 10.28 -27.43 -3.62
N GLU A 125 9.32 -28.35 -3.56
CA GLU A 125 7.99 -28.04 -4.07
C GLU A 125 7.29 -27.01 -3.20
N CYS A 126 7.68 -26.90 -1.93
CA CYS A 126 7.05 -25.95 -1.02
C CYS A 126 8.08 -25.41 -0.03
N VAL A 127 8.02 -24.10 0.20
CA VAL A 127 8.75 -23.43 1.27
C VAL A 127 7.72 -22.78 2.17
N ILE A 128 7.93 -22.89 3.49
CA ILE A 128 6.95 -22.45 4.48
C ILE A 128 7.57 -21.37 5.34
N PHE A 129 6.89 -20.22 5.41
CA PHE A 129 7.25 -19.10 6.29
C PHE A 129 6.06 -18.85 7.22
N SER A 130 5.90 -19.72 8.22
CA SER A 130 4.77 -19.63 9.15
C SER A 130 5.16 -18.74 10.31
N LEU A 131 4.75 -17.47 10.24
CA LEU A 131 4.96 -16.52 11.33
C LEU A 131 6.46 -16.28 11.55
N LEU A 132 7.17 -16.03 10.46
CA LEU A 132 8.62 -15.83 10.48
C LEU A 132 9.01 -14.40 10.14
N LEU A 133 8.50 -13.85 9.04
CA LEU A 133 8.98 -12.58 8.54
C LEU A 133 8.82 -11.46 9.56
N GLU A 134 7.87 -11.60 10.50
CA GLU A 134 7.68 -10.54 11.48
C GLU A 134 8.87 -10.39 12.42
N TYR A 135 9.66 -11.46 12.59
CA TYR A 135 10.88 -11.34 13.38
C TYR A 135 11.97 -10.58 12.66
N MET A 136 11.90 -10.48 11.34
CA MET A 136 13.03 -9.95 10.60
C MET A 136 13.25 -8.49 10.99
N PRO A 137 14.51 -8.06 11.08
CA PRO A 137 14.76 -6.71 11.62
C PRO A 137 14.24 -5.62 10.72
N SER A 138 14.39 -5.76 9.42
CA SER A 138 13.99 -4.74 8.46
C SER A 138 13.09 -5.35 7.39
N ALA A 139 12.44 -4.48 6.63
CA ALA A 139 11.68 -4.95 5.48
C ALA A 139 12.59 -5.47 4.39
N GLU A 140 13.82 -4.95 4.31
CA GLU A 140 14.76 -5.42 3.30
C GLU A 140 15.13 -6.88 3.53
N GLN A 141 15.20 -7.31 4.79
CA GLN A 141 15.54 -8.69 5.09
C GLN A 141 14.33 -9.62 4.95
N ARG A 142 13.11 -9.09 5.09
CA ARG A 142 11.94 -9.91 4.81
C ARG A 142 11.88 -10.27 3.33
N LEU A 143 12.18 -9.30 2.46
CA LEU A 143 12.19 -9.59 1.02
C LEU A 143 13.35 -10.49 0.65
N GLN A 144 14.47 -10.41 1.39
CA GLN A 144 15.58 -11.32 1.15
C GLN A 144 15.17 -12.76 1.42
N CYS A 145 14.42 -12.98 2.51
CA CYS A 145 13.90 -14.31 2.81
C CYS A 145 13.03 -14.82 1.68
N CYS A 146 12.12 -13.98 1.17
CA CYS A 146 11.28 -14.39 0.06
C CYS A 146 12.10 -14.64 -1.21
N LEU A 147 13.14 -13.83 -1.44
CA LEU A 147 13.97 -14.01 -2.63
C LEU A 147 14.73 -15.33 -2.58
N GLN A 148 15.27 -15.66 -1.42
CA GLN A 148 15.94 -16.96 -1.28
C GLN A 148 14.95 -18.10 -1.48
N ALA A 149 13.75 -17.97 -0.91
CA ALA A 149 12.70 -18.96 -1.11
C ALA A 149 12.45 -19.18 -2.60
N TYR A 150 12.34 -18.09 -3.36
CA TYR A 150 12.13 -18.21 -4.81
C TYR A 150 13.25 -19.02 -5.44
N ASP A 151 14.50 -18.71 -5.10
CA ASP A 151 15.61 -19.49 -5.61
C ASP A 151 15.55 -20.93 -5.14
N LEU A 152 14.91 -21.18 -4.00
CA LEU A 152 14.84 -22.52 -3.43
C LEU A 152 13.71 -23.34 -4.01
N LEU A 153 12.66 -22.69 -4.53
CA LEU A 153 11.50 -23.40 -5.02
C LEU A 153 11.74 -23.95 -6.41
N LEU A 154 11.05 -25.05 -6.73
CA LEU A 154 11.00 -25.57 -8.08
C LEU A 154 10.01 -24.76 -8.92
N PRO A 155 10.09 -24.84 -10.24
CA PRO A 155 9.07 -24.21 -11.07
C PRO A 155 7.67 -24.57 -10.59
N GLU A 156 6.84 -23.54 -10.43
CA GLU A 156 5.44 -23.67 -10.03
C GLU A 156 5.29 -24.10 -8.57
N GLY A 157 6.37 -24.28 -7.83
CA GLY A 157 6.28 -24.45 -6.40
C GLY A 157 5.60 -23.28 -5.75
N ILE A 158 5.32 -23.43 -4.45
CA ILE A 158 4.49 -22.49 -3.70
C ILE A 158 5.20 -22.08 -2.41
N LEU A 159 5.14 -20.79 -2.11
CA LEU A 159 5.63 -20.25 -0.84
C LEU A 159 4.42 -19.99 0.05
N VAL A 160 4.33 -20.72 1.16
CA VAL A 160 3.24 -20.56 2.11
C VAL A 160 3.67 -19.51 3.13
N LEU A 161 2.87 -18.45 3.23
CA LEU A 161 3.17 -17.30 4.07
C LEU A 161 2.02 -17.10 5.05
N ILE A 162 2.32 -17.21 6.34
CA ILE A 162 1.32 -16.99 7.39
C ILE A 162 1.81 -15.86 8.28
N THR A 163 1.07 -14.76 8.28
CA THR A 163 1.46 -13.54 8.99
C THR A 163 0.47 -13.25 10.12
N PRO A 164 0.91 -12.61 11.19
CA PRO A 164 0.00 -12.27 12.28
C PRO A 164 -0.76 -10.98 12.02
N ASP A 165 -1.89 -10.86 12.68
CA ASP A 165 -2.73 -9.66 12.57
C ASP A 165 -1.99 -8.44 13.06
N LEU A 175 -1.56 -3.40 2.68
CA LEU A 175 -0.22 -3.95 2.88
C LEU A 175 -0.11 -5.32 2.19
N MET A 176 -1.15 -6.13 2.31
CA MET A 176 -1.18 -7.39 1.57
C MET A 176 -1.13 -7.12 0.07
N LYS A 177 -1.78 -6.06 -0.39
CA LYS A 177 -1.71 -5.71 -1.79
C LYS A 177 -0.33 -5.20 -2.16
N ASN A 178 0.43 -4.70 -1.19
CA ASN A 178 1.83 -4.40 -1.39
C ASN A 178 2.66 -5.68 -1.37
N TRP A 179 2.45 -6.52 -0.36
CA TRP A 179 3.11 -7.82 -0.32
C TRP A 179 2.85 -8.61 -1.60
N ARG A 180 1.71 -8.38 -2.25
CA ARG A 180 1.40 -9.06 -3.51
C ARG A 180 2.14 -8.42 -4.68
N TYR A 181 2.23 -7.09 -4.70
CA TYR A 181 3.03 -6.42 -5.72
C TYR A 181 4.51 -6.73 -5.53
N SER A 182 5.01 -6.57 -4.30
CA SER A 182 6.43 -6.77 -4.04
C SER A 182 6.86 -8.19 -4.39
N LEU A 183 6.00 -9.18 -4.16
CA LEU A 183 6.37 -10.56 -4.43
C LEU A 183 6.21 -10.91 -5.91
N ALA A 184 5.19 -10.36 -6.58
CA ALA A 184 5.12 -10.54 -8.02
C ALA A 184 6.28 -9.85 -8.72
N ARG A 185 6.78 -8.76 -8.16
CA ARG A 185 7.95 -8.09 -8.71
C ARG A 185 9.17 -9.01 -8.73
N ILE A 186 9.22 -10.01 -7.85
CA ILE A 186 10.34 -10.93 -7.79
C ILE A 186 10.02 -12.29 -8.41
N GLY A 187 8.82 -12.46 -8.97
CA GLY A 187 8.44 -13.68 -9.63
C GLY A 187 7.46 -14.57 -8.88
N LEU A 188 6.78 -14.06 -7.86
CA LEU A 188 5.85 -14.85 -7.06
C LEU A 188 4.46 -14.26 -7.20
N LEU A 189 3.54 -15.04 -7.76
CA LEU A 189 2.15 -14.65 -7.89
C LEU A 189 1.32 -15.33 -6.81
N ARG A 190 0.51 -14.54 -6.11
CA ARG A 190 -0.36 -15.09 -5.07
C ARG A 190 -1.43 -15.98 -5.70
N VAL A 191 -1.81 -17.03 -4.96
CA VAL A 191 -2.80 -18.00 -5.46
C VAL A 191 -3.86 -18.28 -4.41
N ARG A 192 -3.68 -17.75 -3.20
CA ARG A 192 -4.67 -17.98 -2.15
C ARG A 192 -4.46 -17.00 -0.99
N PHE A 193 -5.57 -16.58 -0.40
CA PHE A 193 -5.57 -15.74 0.79
C PHE A 193 -6.80 -16.08 1.60
N GLU A 194 -6.60 -16.36 2.89
CA GLU A 194 -7.70 -16.68 3.79
C GLU A 194 -7.40 -16.05 5.14
N LYS A 195 -8.45 -15.55 5.79
CA LYS A 195 -8.34 -14.94 7.11
C LYS A 195 -8.80 -15.97 8.15
N LEU A 196 -7.83 -16.51 8.88
CA LEU A 196 -8.07 -17.38 10.02
C LEU A 196 -7.99 -16.57 11.31
N PRO A 197 -8.39 -17.14 12.44
CA PRO A 197 -8.32 -16.39 13.70
C PRO A 197 -6.95 -15.82 14.00
N HIS A 198 -6.85 -14.49 13.99
CA HIS A 198 -5.67 -13.73 14.35
C HIS A 198 -4.54 -13.82 13.34
N ILE A 199 -4.74 -14.48 12.20
CA ILE A 199 -3.68 -14.67 11.22
C ILE A 199 -4.23 -14.57 9.80
N SER A 200 -3.39 -14.12 8.88
CA SER A 200 -3.67 -14.16 7.45
C SER A 200 -2.80 -15.23 6.80
N CYS A 201 -3.43 -16.15 6.08
CA CYS A 201 -2.73 -17.27 5.45
C CYS A 201 -2.69 -17.03 3.95
N MET A 202 -1.49 -17.01 3.38
CA MET A 202 -1.27 -16.71 1.98
C MET A 202 -0.44 -17.81 1.34
N VAL A 203 -0.58 -17.95 0.03
CA VAL A 203 0.26 -18.82 -0.77
C VAL A 203 0.68 -18.06 -2.01
N PHE A 204 1.98 -18.07 -2.29
CA PHE A 204 2.53 -17.43 -3.49
C PHE A 204 3.17 -18.50 -4.36
N ARG A 205 2.83 -18.48 -5.64
CA ARG A 205 3.28 -19.49 -6.58
C ARG A 205 4.48 -18.96 -7.37
N LYS A 206 5.45 -19.84 -7.62
CA LYS A 206 6.56 -19.54 -8.51
C LYS A 206 6.04 -19.63 -9.94
N ALA A 207 5.74 -18.48 -10.54
CA ALA A 207 5.09 -18.45 -11.83
C ALA A 207 5.94 -19.13 -12.90
N ILE A 208 5.28 -19.55 -13.98
CA ILE A 208 5.98 -20.19 -15.09
C ILE A 208 7.08 -19.29 -15.64
N SER A 209 6.94 -17.98 -15.50
CA SER A 209 7.95 -17.05 -15.98
C SER A 209 8.04 -15.89 -15.00
N ARG A 210 9.27 -15.52 -14.62
CA ARG A 210 9.47 -14.36 -13.76
C ARG A 210 9.07 -13.07 -14.50
N GLU A 211 9.44 -12.96 -15.77
CA GLU A 211 9.06 -11.78 -16.54
C GLU A 211 7.55 -11.60 -16.58
N LEU A 212 6.81 -12.70 -16.67
CA LEU A 212 5.35 -12.61 -16.66
C LEU A 212 4.85 -12.04 -15.34
N SER A 213 5.30 -12.63 -14.23
CA SER A 213 4.88 -12.14 -12.91
C SER A 213 5.35 -10.70 -12.70
N GLN A 214 6.56 -10.39 -13.12
CA GLN A 214 7.06 -9.01 -13.01
C GLN A 214 6.18 -8.06 -13.79
N HIS A 215 5.74 -8.47 -14.98
CA HIS A 215 4.86 -7.63 -15.78
C HIS A 215 3.52 -7.42 -15.10
N TRP A 216 2.95 -8.50 -14.56
CA TRP A 216 1.71 -8.36 -13.79
C TRP A 216 1.88 -7.32 -12.68
N ALA A 217 3.02 -7.37 -11.98
CA ALA A 217 3.25 -6.40 -10.90
C ALA A 217 3.32 -4.98 -11.43
N SER A 218 4.05 -4.78 -12.54
CA SER A 218 4.14 -3.45 -13.14
C SER A 218 2.75 -2.87 -13.38
N ILE A 219 1.86 -3.65 -13.99
CA ILE A 219 0.52 -3.17 -14.29
C ILE A 219 -0.30 -2.93 -13.04
N HIS A 220 0.04 -3.61 -11.94
CA HIS A 220 -0.81 -3.63 -10.75
C HIS A 220 -0.28 -2.77 -9.62
N ARG A 221 0.66 -1.88 -9.90
CA ARG A 221 1.17 -0.96 -8.89
C ARG A 221 0.16 0.15 -8.62
N CYS A 226 5.82 0.75 -2.69
CA CYS A 226 6.96 0.18 -1.96
C CYS A 226 7.30 -1.21 -2.50
N GLU A 227 8.59 -1.44 -2.78
CA GLU A 227 9.07 -2.69 -3.35
C GLU A 227 9.68 -3.63 -2.31
N GLU A 228 9.34 -3.45 -1.04
CA GLU A 228 9.79 -4.31 0.05
C GLU A 228 8.57 -4.86 0.79
N ILE A 229 8.85 -5.69 1.78
CA ILE A 229 7.82 -6.35 2.58
C ILE A 229 7.84 -5.67 3.95
N ARG A 230 6.87 -4.78 4.18
CA ARG A 230 6.80 -3.99 5.40
C ARG A 230 5.83 -4.60 6.41
N ILE A 231 5.80 -4.01 7.59
CA ILE A 231 4.94 -4.49 8.66
C ILE A 231 4.24 -3.32 9.36
N SER B 6 -15.04 35.80 10.46
CA SER B 6 -13.99 34.83 10.77
C SER B 6 -13.62 33.98 9.57
N ARG B 7 -12.34 33.58 9.51
CA ARG B 7 -11.93 32.55 8.56
C ARG B 7 -12.51 31.19 8.92
N ILE B 8 -12.87 30.97 10.19
CA ILE B 8 -13.37 29.66 10.60
C ILE B 8 -14.80 29.46 10.10
N LYS B 9 -15.62 30.51 10.16
CA LYS B 9 -16.97 30.41 9.61
C LYS B 9 -16.94 30.35 8.09
N TRP B 10 -15.97 31.01 7.47
CA TRP B 10 -15.87 30.98 6.02
C TRP B 10 -15.53 29.59 5.51
N ALA B 11 -14.56 28.94 6.16
CA ALA B 11 -14.16 27.60 5.75
C ALA B 11 -15.27 26.59 6.00
N ILE B 12 -15.90 26.66 7.19
CA ILE B 12 -17.01 25.76 7.50
C ILE B 12 -18.14 25.95 6.50
N ASP B 13 -18.39 27.20 6.12
CA ASP B 13 -19.46 27.49 5.17
C ASP B 13 -19.16 26.93 3.78
N TYR B 14 -17.91 27.05 3.33
CA TYR B 14 -17.59 26.57 1.99
C TYR B 14 -17.61 25.05 1.91
N ILE B 15 -17.01 24.37 2.90
CA ILE B 15 -16.99 22.92 2.87
C ILE B 15 -18.42 22.37 2.81
N THR B 16 -19.34 22.99 3.54
CA THR B 16 -20.73 22.56 3.49
C THR B 16 -21.31 22.77 2.09
N LYS B 17 -21.02 23.91 1.46
CA LYS B 17 -21.53 24.15 0.11
C LYS B 17 -20.82 23.30 -0.93
N TYR B 18 -19.54 22.98 -0.70
CA TYR B 18 -18.79 22.21 -1.68
C TYR B 18 -19.26 20.76 -1.71
N PHE B 19 -19.60 20.19 -0.56
CA PHE B 19 -19.89 18.76 -0.47
C PHE B 19 -21.37 18.44 -0.37
N PHE B 20 -22.18 19.30 0.24
CA PHE B 20 -23.56 18.97 0.57
C PHE B 20 -24.57 19.91 -0.06
N THR B 21 -24.62 21.18 0.37
CA THR B 21 -25.78 22.01 0.08
C THR B 21 -25.79 22.54 -1.35
N GLU B 22 -24.62 22.81 -1.93
CA GLU B 22 -24.54 23.33 -3.30
C GLU B 22 -23.89 22.34 -4.26
N GLY B 23 -23.28 21.26 -3.76
CA GLY B 23 -22.68 20.27 -4.64
C GLY B 23 -21.65 20.84 -5.61
N ILE B 24 -20.79 21.75 -5.13
CA ILE B 24 -19.81 22.37 -6.02
C ILE B 24 -18.77 21.34 -6.47
N TYR B 25 -18.52 20.30 -5.68
CA TYR B 25 -17.59 19.28 -6.12
C TYR B 25 -18.08 18.58 -7.37
N LEU B 26 -19.40 18.54 -7.59
CA LEU B 26 -19.94 17.96 -8.82
C LEU B 26 -19.90 18.96 -9.97
N GLN B 27 -20.00 20.25 -9.67
CA GLN B 27 -19.88 21.26 -10.73
C GLN B 27 -18.45 21.34 -11.25
N LYS B 28 -17.46 21.32 -10.34
CA LYS B 28 -16.07 21.39 -10.77
C LYS B 28 -15.64 20.11 -11.48
N ARG B 29 -16.22 18.97 -11.11
CA ARG B 29 -16.01 17.76 -11.89
C ARG B 29 -16.36 17.99 -13.35
N GLN B 30 -17.57 18.53 -13.59
CA GLN B 30 -18.00 18.80 -14.96
C GLN B 30 -17.08 19.82 -15.63
N ARG B 31 -16.68 20.87 -14.91
CA ARG B 31 -15.79 21.86 -15.50
C ARG B 31 -14.44 21.26 -15.85
N GLU B 32 -13.97 20.29 -15.07
CA GLU B 32 -12.71 19.64 -15.39
C GLU B 32 -12.88 18.57 -16.44
N GLN B 33 -14.04 17.91 -16.50
CA GLN B 33 -14.30 16.96 -17.57
C GLN B 33 -14.47 17.67 -18.91
N ARG B 34 -15.00 18.89 -18.89
CA ARG B 34 -15.08 19.68 -20.13
C ARG B 34 -13.71 20.18 -20.54
N LEU B 35 -12.88 20.57 -19.57
CA LEU B 35 -11.52 20.98 -19.88
C LEU B 35 -10.72 19.81 -20.45
N LEU B 36 -11.02 18.58 -20.03
CA LEU B 36 -10.31 17.43 -20.56
C LEU B 36 -10.66 17.19 -22.02
N GLU B 37 -11.95 17.34 -22.37
CA GLU B 37 -12.34 17.19 -23.78
C GLU B 37 -11.70 18.27 -24.64
N SER B 38 -11.72 19.52 -24.15
CA SER B 38 -11.07 20.60 -24.89
C SER B 38 -9.62 20.25 -25.22
N TYR B 39 -8.88 19.77 -24.22
CA TYR B 39 -7.50 19.35 -24.46
C TYR B 39 -7.46 18.20 -25.46
N ARG B 40 -8.27 17.17 -25.24
CA ARG B 40 -8.39 16.08 -26.21
C ARG B 40 -8.98 16.60 -27.52
N GLU B 47 -5.51 9.32 -22.86
CA GLU B 47 -6.24 8.41 -22.00
C GLU B 47 -5.79 8.54 -20.55
N VAL B 48 -6.13 9.66 -19.92
CA VAL B 48 -5.75 9.90 -18.52
C VAL B 48 -6.70 9.13 -17.62
N GLN B 49 -6.17 8.72 -16.47
CA GLN B 49 -6.96 8.04 -15.43
C GLN B 49 -7.62 9.10 -14.58
N CYS B 50 -8.93 9.28 -14.75
CA CYS B 50 -9.70 10.22 -13.94
C CYS B 50 -10.29 9.49 -12.74
N ARG B 51 -10.00 9.98 -11.54
CA ARG B 51 -10.46 9.38 -10.30
C ARG B 51 -11.50 10.28 -9.65
N LEU B 52 -12.65 9.70 -9.32
CA LEU B 52 -13.79 10.46 -8.84
C LEU B 52 -14.14 10.04 -7.42
N MET B 53 -14.74 10.97 -6.68
CA MET B 53 -15.17 10.73 -5.31
C MET B 53 -16.57 10.16 -5.30
N GLU B 54 -16.79 9.17 -4.42
CA GLU B 54 -18.13 8.70 -4.13
C GLU B 54 -18.89 9.76 -3.34
N GLU B 55 -20.17 9.53 -3.14
CA GLU B 55 -21.00 10.51 -2.43
C GLU B 55 -20.41 10.75 -1.05
N PRO B 56 -20.11 11.99 -0.68
CA PRO B 56 -19.48 12.23 0.61
C PRO B 56 -20.40 11.81 1.73
N PRO B 57 -19.84 11.35 2.86
CA PRO B 57 -20.67 11.06 4.02
C PRO B 57 -21.11 12.34 4.74
N ASP B 58 -22.16 12.21 5.54
CA ASP B 58 -22.65 13.36 6.29
C ASP B 58 -21.60 13.87 7.29
N ARG B 59 -20.73 13.00 7.78
CA ARG B 59 -19.63 13.39 8.63
C ARG B 59 -18.34 13.24 7.83
N LEU B 60 -17.75 14.36 7.44
CA LEU B 60 -16.55 14.36 6.62
C LEU B 60 -15.30 14.19 7.46
N HIS B 61 -14.29 13.55 6.88
CA HIS B 61 -12.99 13.39 7.51
C HIS B 61 -12.13 14.60 7.17
N VAL B 62 -11.89 15.46 8.16
CA VAL B 62 -11.14 16.70 7.97
C VAL B 62 -9.83 16.61 8.75
N LEU B 63 -8.77 17.18 8.17
CA LEU B 63 -7.45 17.23 8.79
C LEU B 63 -7.07 18.70 8.98
N ASP B 64 -6.93 19.12 10.24
CA ASP B 64 -6.64 20.51 10.58
C ASP B 64 -5.17 20.59 10.97
N VAL B 65 -4.33 20.93 9.99
CA VAL B 65 -2.88 20.99 10.18
C VAL B 65 -2.50 22.40 10.62
N GLY B 66 -1.62 22.48 11.61
CA GLY B 66 -1.41 23.75 12.26
C GLY B 66 -2.57 24.20 13.11
N SER B 67 -3.46 23.26 13.47
CA SER B 67 -4.57 23.55 14.37
C SER B 67 -4.04 23.85 15.76
N CYS B 68 -4.20 25.08 16.21
CA CYS B 68 -3.75 25.41 17.55
C CYS B 68 -4.72 24.93 18.63
N PHE B 69 -6.03 25.00 18.35
CA PHE B 69 -7.02 24.71 19.38
C PHE B 69 -8.26 23.99 18.84
N ASN B 70 -8.20 23.42 17.64
CA ASN B 70 -9.28 22.62 17.09
C ASN B 70 -10.57 23.42 16.94
N PRO B 71 -10.56 24.54 16.21
CA PRO B 71 -11.79 25.31 16.02
C PRO B 71 -12.84 24.59 15.19
N PHE B 72 -12.44 23.70 14.28
CA PHE B 72 -13.38 23.07 13.35
C PHE B 72 -14.02 21.81 13.93
N SER B 73 -13.62 21.39 15.13
CA SER B 73 -14.26 20.26 15.78
C SER B 73 -15.68 20.56 16.25
N SER B 74 -16.08 21.83 16.26
CA SER B 74 -17.42 22.21 16.68
C SER B 74 -18.45 22.12 15.56
N ALA B 75 -18.01 22.08 14.31
CA ALA B 75 -18.95 22.01 13.19
C ALA B 75 -19.51 20.60 13.08
N PRO B 76 -20.84 20.46 12.97
CA PRO B 76 -21.42 19.09 12.96
C PRO B 76 -20.87 18.19 11.86
N HIS B 77 -20.65 18.72 10.66
CA HIS B 77 -20.24 17.91 9.52
C HIS B 77 -18.77 17.49 9.58
N LEU B 78 -18.00 17.99 10.52
CA LEU B 78 -16.54 17.88 10.47
C LEU B 78 -16.04 16.98 11.59
N GLU B 79 -15.57 15.79 11.22
CA GLU B 79 -14.82 14.93 12.12
C GLU B 79 -13.33 15.25 11.94
N VAL B 80 -12.79 16.07 12.82
CA VAL B 80 -11.48 16.69 12.63
C VAL B 80 -10.41 15.90 13.37
N THR B 81 -9.28 15.68 12.68
CA THR B 81 -8.05 15.21 13.31
C THR B 81 -7.11 16.42 13.33
N ALA B 82 -6.92 17.00 14.51
CA ALA B 82 -6.19 18.24 14.67
C ALA B 82 -4.73 17.97 15.03
N LEU B 83 -3.82 18.70 14.37
CA LEU B 83 -2.39 18.52 14.53
C LEU B 83 -1.73 19.87 14.76
N ASP B 84 -0.63 19.85 15.52
CA ASP B 84 0.12 21.08 15.79
C ASP B 84 1.50 20.72 16.30
N LEU B 85 2.49 21.54 15.92
CA LEU B 85 3.83 21.36 16.46
C LEU B 85 3.88 21.73 17.93
N CYS B 86 3.04 22.67 18.36
CA CYS B 86 2.95 23.11 19.76
C CYS B 86 1.48 23.18 20.16
N PRO B 87 0.83 22.03 20.34
CA PRO B 87 -0.60 22.03 20.66
C PRO B 87 -0.93 22.96 21.82
N ALA B 88 -2.01 23.72 21.64
CA ALA B 88 -2.51 24.60 22.68
C ALA B 88 -3.79 24.09 23.31
N THR B 89 -4.20 22.86 22.98
CA THR B 89 -5.39 22.25 23.55
C THR B 89 -5.19 20.75 23.63
N GLU B 90 -5.89 20.12 24.57
CA GLU B 90 -5.72 18.69 24.77
C GLU B 90 -6.15 17.88 23.57
N ASP B 91 -7.17 18.34 22.84
CA ASP B 91 -7.73 17.60 21.72
C ASP B 91 -6.86 17.65 20.48
N VAL B 92 -5.71 18.31 20.54
CA VAL B 92 -4.81 18.48 19.39
C VAL B 92 -3.61 17.57 19.57
N LEU B 93 -3.39 16.69 18.59
CA LEU B 93 -2.23 15.81 18.63
C LEU B 93 -0.97 16.60 18.26
N GLN B 94 0.12 16.31 18.96
CA GLN B 94 1.38 16.95 18.66
C GLN B 94 1.98 16.35 17.39
N ALA B 95 2.60 17.20 16.56
CA ALA B 95 3.19 16.73 15.32
C ALA B 95 3.95 17.83 14.60
N ASP B 96 5.00 17.44 13.88
CA ASP B 96 5.65 18.28 12.88
C ASP B 96 5.24 17.71 11.53
N PHE B 97 4.30 18.40 10.86
CA PHE B 97 3.79 17.92 9.57
C PHE B 97 4.93 17.66 8.59
N LEU B 98 6.03 18.40 8.69
CA LEU B 98 7.17 18.17 7.81
C LEU B 98 7.79 16.80 8.01
N LYS B 99 7.80 16.31 9.26
CA LYS B 99 8.30 14.97 9.57
C LYS B 99 7.18 13.95 9.65
N VAL B 100 6.14 14.10 8.82
CA VAL B 100 5.01 13.18 8.79
C VAL B 100 4.99 12.51 7.43
N GLU B 101 4.68 11.22 7.41
CA GLU B 101 4.59 10.44 6.19
C GLU B 101 3.14 10.09 5.91
N VAL B 102 2.73 10.24 4.64
CA VAL B 102 1.41 9.87 4.19
C VAL B 102 1.49 8.44 3.68
N VAL B 103 0.87 7.52 4.41
CA VAL B 103 0.93 6.08 4.15
C VAL B 103 -0.41 5.68 3.54
N PRO B 104 -0.46 5.27 2.23
CA PRO B 104 -1.66 4.61 1.66
C PRO B 104 -2.47 3.64 2.56
N GLY B 105 -1.88 2.56 3.06
CA GLY B 105 -2.73 1.49 3.59
C GLY B 105 -2.95 1.51 5.09
N ILE B 106 -3.34 2.65 5.66
CA ILE B 106 -3.71 2.74 7.06
C ILE B 106 -4.99 3.57 7.16
N ARG B 107 -5.57 3.59 8.37
CA ARG B 107 -6.84 4.24 8.60
C ARG B 107 -6.82 5.29 9.70
N GLU B 108 -5.91 5.21 10.65
CA GLU B 108 -5.81 6.16 11.74
C GLU B 108 -4.38 6.68 11.83
N PRO B 109 -4.19 7.85 12.44
CA PRO B 109 -2.82 8.34 12.66
C PRO B 109 -2.01 7.34 13.48
N GLU B 110 -0.74 7.19 13.11
CA GLU B 110 0.20 6.36 13.83
C GLU B 110 1.21 7.26 14.53
N LEU B 111 1.31 7.13 15.85
CA LEU B 111 2.07 8.05 16.68
C LEU B 111 3.26 7.35 17.32
N GLU B 112 4.32 8.12 17.56
CA GLU B 112 5.53 7.63 18.21
C GLU B 112 5.96 8.66 19.24
N GLU B 113 5.76 8.35 20.52
CA GLU B 113 6.13 9.25 21.62
C GLU B 113 5.24 10.47 21.67
N GLY B 114 3.93 10.26 21.49
CA GLY B 114 2.96 11.34 21.51
C GLY B 114 2.90 12.17 20.24
N SER B 115 3.90 12.07 19.37
CA SER B 115 3.95 12.84 18.13
C SER B 115 3.41 11.99 16.97
N VAL B 116 2.62 12.62 16.11
CA VAL B 116 2.10 11.94 14.92
C VAL B 116 3.21 11.88 13.88
N ARG B 117 3.51 10.67 13.41
CA ARG B 117 4.55 10.48 12.42
C ARG B 117 4.04 9.91 11.10
N ARG B 118 2.83 9.34 11.07
CA ARG B 118 2.26 8.80 9.85
C ARG B 118 0.76 9.02 9.87
N LEU B 119 0.22 9.44 8.72
CA LEU B 119 -1.19 9.71 8.56
C LEU B 119 -1.74 8.96 7.36
N PRO B 120 -3.03 8.60 7.38
CA PRO B 120 -3.60 7.81 6.28
C PRO B 120 -3.70 8.63 5.01
N ALA B 121 -3.39 7.98 3.88
CA ALA B 121 -3.46 8.63 2.59
C ALA B 121 -4.84 8.46 1.98
N SER B 122 -5.19 9.40 1.09
CA SER B 122 -6.48 9.41 0.41
C SER B 122 -7.60 9.03 1.38
N HIS B 123 -7.66 9.79 2.47
CA HIS B 123 -8.54 9.48 3.58
C HIS B 123 -9.38 10.67 4.03
N TYR B 124 -9.06 11.88 3.62
CA TYR B 124 -9.73 13.08 4.10
C TYR B 124 -10.42 13.81 2.97
N GLU B 125 -11.66 14.24 3.21
CA GLU B 125 -12.37 15.06 2.25
C GLU B 125 -11.89 16.50 2.25
N CYS B 126 -11.19 16.93 3.30
CA CYS B 126 -10.71 18.30 3.39
C CYS B 126 -9.46 18.32 4.26
N VAL B 127 -8.51 19.18 3.90
CA VAL B 127 -7.30 19.43 4.67
C VAL B 127 -7.14 20.94 4.78
N ILE B 128 -6.97 21.43 6.01
CA ILE B 128 -6.99 22.86 6.30
C ILE B 128 -5.59 23.32 6.69
N PHE B 129 -5.00 24.18 5.86
CA PHE B 129 -3.77 24.89 6.17
C PHE B 129 -4.14 26.34 6.47
N SER B 130 -4.60 26.58 7.70
CA SER B 130 -5.09 27.88 8.13
C SER B 130 -3.95 28.63 8.83
N LEU B 131 -3.33 29.56 8.10
CA LEU B 131 -2.26 30.38 8.66
C LEU B 131 -1.09 29.53 9.15
N LEU B 132 -0.73 28.54 8.34
CA LEU B 132 0.32 27.60 8.66
C LEU B 132 1.55 27.77 7.80
N LEU B 133 1.35 28.09 6.52
CA LEU B 133 2.44 28.10 5.56
C LEU B 133 3.34 29.33 5.73
N GLU B 134 2.86 30.39 6.36
CA GLU B 134 3.72 31.53 6.65
C GLU B 134 4.74 31.18 7.73
N TYR B 135 4.40 30.26 8.63
CA TYR B 135 5.29 29.81 9.69
C TYR B 135 6.23 28.69 9.23
N MET B 136 6.40 28.53 7.93
CA MET B 136 7.30 27.52 7.39
C MET B 136 8.38 28.16 6.53
N SER B 138 11.25 27.81 4.25
CA SER B 138 11.55 27.65 2.83
C SER B 138 10.29 27.34 2.03
N ALA B 139 10.17 27.95 0.84
CA ALA B 139 9.06 27.61 -0.04
C ALA B 139 9.11 26.14 -0.44
N GLU B 140 10.32 25.57 -0.49
CA GLU B 140 10.45 24.17 -0.87
C GLU B 140 9.83 23.26 0.17
N GLN B 141 9.92 23.63 1.45
CA GLN B 141 9.17 22.93 2.48
C GLN B 141 7.71 23.35 2.48
N ARG B 142 7.41 24.59 2.09
CA ARG B 142 6.03 25.02 1.95
C ARG B 142 5.32 24.24 0.86
N LEU B 143 6.04 23.83 -0.19
CA LEU B 143 5.47 22.95 -1.19
C LEU B 143 5.40 21.51 -0.68
N GLN B 144 6.37 21.10 0.14
CA GLN B 144 6.30 19.79 0.78
C GLN B 144 4.98 19.64 1.54
N CYS B 145 4.59 20.67 2.28
CA CYS B 145 3.30 20.64 2.98
C CYS B 145 2.15 20.48 2.00
N CYS B 146 2.14 21.28 0.94
CA CYS B 146 1.06 21.20 -0.04
C CYS B 146 1.06 19.86 -0.75
N LEU B 147 2.23 19.28 -0.98
CA LEU B 147 2.28 17.99 -1.66
C LEU B 147 1.73 16.89 -0.77
N GLN B 148 2.06 16.92 0.52
CA GLN B 148 1.53 15.91 1.44
C GLN B 148 0.04 16.06 1.63
N ALA B 149 -0.47 17.30 1.54
CA ALA B 149 -1.92 17.49 1.53
C ALA B 149 -2.55 16.75 0.35
N TYR B 150 -1.91 16.80 -0.81
CA TYR B 150 -2.44 16.11 -1.98
C TYR B 150 -2.58 14.62 -1.72
N ASP B 151 -1.51 13.99 -1.20
CA ASP B 151 -1.58 12.57 -0.86
C ASP B 151 -2.63 12.30 0.21
N LEU B 152 -2.82 13.25 1.12
CA LEU B 152 -3.77 13.03 2.21
C LEU B 152 -5.21 13.18 1.72
N LEU B 153 -5.43 13.98 0.69
CA LEU B 153 -6.78 14.27 0.22
C LEU B 153 -7.32 13.13 -0.62
N LEU B 154 -8.65 12.96 -0.55
CA LEU B 154 -9.36 12.03 -1.41
C LEU B 154 -9.52 12.67 -2.79
N PRO B 155 -9.92 11.88 -3.78
CA PRO B 155 -10.25 12.48 -5.09
C PRO B 155 -11.29 13.57 -4.93
N GLU B 156 -11.02 14.73 -5.53
CA GLU B 156 -11.90 15.89 -5.53
C GLU B 156 -12.03 16.52 -4.15
N GLY B 157 -11.27 16.04 -3.15
CA GLY B 157 -11.21 16.71 -1.89
C GLY B 157 -10.52 18.06 -2.00
N ILE B 158 -10.79 18.92 -1.02
CA ILE B 158 -10.37 20.32 -1.08
C ILE B 158 -9.35 20.61 0.01
N LEU B 159 -8.50 21.60 -0.25
CA LEU B 159 -7.52 22.09 0.71
C LEU B 159 -7.79 23.57 0.93
N VAL B 160 -8.27 23.91 2.12
CA VAL B 160 -8.46 25.31 2.49
C VAL B 160 -7.11 25.93 2.80
N LEU B 161 -6.92 27.16 2.36
CA LEU B 161 -5.63 27.84 2.50
C LEU B 161 -5.90 29.31 2.84
N ILE B 162 -5.72 29.65 4.12
CA ILE B 162 -5.82 31.03 4.58
C ILE B 162 -4.41 31.60 4.64
N THR B 163 -4.19 32.74 3.99
CA THR B 163 -2.86 33.33 3.96
C THR B 163 -2.83 34.64 4.74
N PRO B 164 -1.67 34.99 5.33
CA PRO B 164 -1.64 36.08 6.32
C PRO B 164 -2.13 37.43 5.81
N ASP B 165 -1.89 37.78 4.55
CA ASP B 165 -2.24 39.13 4.07
C ASP B 165 -3.59 39.13 3.35
N HIS B 174 0.57 38.12 -8.93
CA HIS B 174 1.91 38.14 -8.34
C HIS B 174 2.29 36.71 -7.95
N LEU B 175 2.82 36.53 -6.75
CA LEU B 175 3.04 35.17 -6.24
C LEU B 175 1.75 34.36 -6.25
N MET B 176 0.60 35.03 -6.26
CA MET B 176 -0.68 34.31 -6.32
C MET B 176 -0.74 33.43 -7.56
N LYS B 177 -0.30 33.94 -8.72
CA LYS B 177 -0.33 33.13 -9.93
C LYS B 177 0.70 32.00 -9.86
N ASN B 178 1.87 32.27 -9.26
CA ASN B 178 2.84 31.21 -9.07
C ASN B 178 2.30 30.13 -8.13
N TRP B 179 1.48 30.51 -7.17
CA TRP B 179 0.85 29.52 -6.30
C TRP B 179 -0.18 28.70 -7.09
N ARG B 180 -1.06 29.37 -7.83
CA ARG B 180 -2.01 28.65 -8.67
C ARG B 180 -1.28 27.78 -9.69
N TYR B 181 -0.12 28.23 -10.16
CA TYR B 181 0.68 27.42 -11.07
C TYR B 181 1.38 26.29 -10.30
N SER B 182 2.08 26.62 -9.22
CA SER B 182 2.80 25.62 -8.47
C SER B 182 1.86 24.60 -7.84
N LEU B 183 0.65 25.03 -7.46
CA LEU B 183 -0.33 24.08 -6.93
C LEU B 183 -0.94 23.24 -8.04
N ALA B 184 -1.28 23.89 -9.17
CA ALA B 184 -1.71 23.11 -10.34
C ALA B 184 -0.57 22.21 -10.83
N ARG B 185 0.68 22.60 -10.57
CA ARG B 185 1.82 21.74 -10.89
C ARG B 185 1.77 20.42 -10.13
N ILE B 186 1.11 20.39 -8.96
CA ILE B 186 1.06 19.19 -8.12
C ILE B 186 -0.29 18.50 -8.17
N GLY B 187 -1.25 19.07 -8.89
CA GLY B 187 -2.57 18.47 -9.05
C GLY B 187 -3.71 19.24 -8.39
N LEU B 188 -3.47 20.46 -7.93
CA LEU B 188 -4.44 21.23 -7.18
C LEU B 188 -4.86 22.43 -8.01
N LEU B 189 -6.13 22.52 -8.33
CA LEU B 189 -6.68 23.63 -9.10
C LEU B 189 -7.59 24.46 -8.19
N ARG B 190 -7.28 25.75 -8.07
CA ARG B 190 -8.10 26.63 -7.24
C ARG B 190 -9.56 26.57 -7.67
N VAL B 191 -10.45 26.56 -6.69
CA VAL B 191 -11.90 26.59 -6.94
C VAL B 191 -12.57 27.74 -6.22
N ARG B 192 -11.86 28.50 -5.40
CA ARG B 192 -12.49 29.54 -4.60
C ARG B 192 -11.43 30.51 -4.08
N PHE B 193 -11.77 31.79 -4.07
CA PHE B 193 -10.91 32.83 -3.51
C PHE B 193 -11.78 33.99 -3.03
N GLU B 194 -11.50 34.46 -1.82
CA GLU B 194 -12.18 35.65 -1.32
C GLU B 194 -11.31 36.31 -0.26
N LYS B 195 -11.22 37.63 -0.34
CA LYS B 195 -10.49 38.42 0.65
C LYS B 195 -11.40 38.67 1.85
N LEU B 196 -10.89 38.37 3.04
CA LEU B 196 -11.51 38.72 4.30
C LEU B 196 -10.61 39.72 5.04
N PRO B 197 -11.12 40.33 6.12
CA PRO B 197 -10.29 41.29 6.86
C PRO B 197 -8.92 40.72 7.22
N HIS B 198 -7.88 41.30 6.63
CA HIS B 198 -6.48 41.00 6.89
C HIS B 198 -6.03 39.65 6.33
N ILE B 199 -6.92 38.88 5.69
CA ILE B 199 -6.57 37.56 5.19
C ILE B 199 -7.07 37.36 3.78
N SER B 200 -6.45 36.42 3.07
CA SER B 200 -6.93 35.95 1.77
C SER B 200 -7.28 34.47 1.92
N CYS B 201 -8.54 34.13 1.68
CA CYS B 201 -9.03 32.76 1.84
C CYS B 201 -9.02 32.05 0.48
N MET B 202 -8.45 30.85 0.45
CA MET B 202 -8.33 30.08 -0.77
C MET B 202 -8.76 28.63 -0.55
N VAL B 203 -9.24 28.01 -1.63
CA VAL B 203 -9.57 26.58 -1.63
C VAL B 203 -9.04 25.99 -2.92
N PHE B 204 -8.25 24.93 -2.79
CA PHE B 204 -7.66 24.25 -3.93
C PHE B 204 -8.17 22.82 -3.98
N ARG B 205 -8.63 22.40 -5.15
CA ARG B 205 -9.32 21.14 -5.33
C ARG B 205 -8.39 20.12 -5.96
N LYS B 206 -8.34 18.92 -5.40
CA LYS B 206 -7.68 17.79 -6.04
C LYS B 206 -8.46 17.44 -7.30
N ALA B 207 -7.93 17.81 -8.45
CA ALA B 207 -8.64 17.61 -9.70
C ALA B 207 -8.80 16.12 -9.99
N ILE B 208 -9.75 15.81 -10.87
CA ILE B 208 -10.03 14.42 -11.23
C ILE B 208 -8.82 13.77 -11.86
N SER B 209 -7.91 14.57 -12.42
CA SER B 209 -6.70 14.06 -13.06
C SER B 209 -5.58 15.05 -12.84
N ARG B 210 -4.46 14.58 -12.27
CA ARG B 210 -3.29 15.44 -12.08
C ARG B 210 -2.70 15.88 -13.41
N GLU B 211 -2.79 15.02 -14.43
CA GLU B 211 -2.28 15.38 -15.75
C GLU B 211 -3.03 16.58 -16.30
N LEU B 212 -4.37 16.58 -16.18
CA LEU B 212 -5.14 17.76 -16.56
C LEU B 212 -4.63 19.00 -15.84
N SER B 213 -4.66 18.98 -14.51
CA SER B 213 -4.21 20.13 -13.73
C SER B 213 -2.80 20.56 -14.15
N GLN B 214 -1.95 19.59 -14.47
CA GLN B 214 -0.57 19.93 -14.86
C GLN B 214 -0.52 20.45 -16.30
N HIS B 215 -1.34 19.89 -17.20
CA HIS B 215 -1.44 20.47 -18.54
C HIS B 215 -1.95 21.90 -18.46
N TRP B 216 -3.00 22.13 -17.66
CA TRP B 216 -3.45 23.49 -17.41
C TRP B 216 -2.32 24.37 -16.91
N ALA B 217 -1.38 23.79 -16.17
CA ALA B 217 -0.25 24.56 -15.66
C ALA B 217 0.84 24.72 -16.70
N SER B 218 1.05 23.72 -17.57
CA SER B 218 1.89 23.93 -18.75
C SER B 218 1.52 25.23 -19.43
N ILE B 219 0.23 25.40 -19.74
CA ILE B 219 -0.28 26.72 -20.08
C ILE B 219 -0.22 27.60 -18.84
N HIS B 220 -0.07 28.90 -19.05
CA HIS B 220 0.13 29.83 -17.93
C HIS B 220 1.42 29.48 -17.20
N ARG C 5 -48.27 2.20 24.66
CA ARG C 5 -48.03 2.49 26.06
C ARG C 5 -46.59 2.94 26.28
N SER C 6 -45.67 1.98 26.26
CA SER C 6 -44.26 2.30 26.44
C SER C 6 -43.63 2.72 25.12
N ARG C 7 -42.74 3.72 25.19
CA ARG C 7 -41.97 4.10 24.02
C ARG C 7 -41.19 2.90 23.47
N ILE C 8 -40.82 1.96 24.35
CA ILE C 8 -40.07 0.79 23.91
C ILE C 8 -40.96 -0.12 23.08
N LYS C 9 -42.25 -0.21 23.44
CA LYS C 9 -43.18 -1.02 22.67
C LYS C 9 -43.50 -0.36 21.33
N TRP C 10 -43.69 0.96 21.35
CA TRP C 10 -43.97 1.68 20.11
C TRP C 10 -42.88 1.48 19.08
N ALA C 11 -41.61 1.51 19.50
CA ALA C 11 -40.50 1.39 18.56
C ALA C 11 -40.42 -0.02 17.98
N ILE C 12 -40.53 -1.04 18.83
CA ILE C 12 -40.50 -2.41 18.32
C ILE C 12 -41.64 -2.61 17.34
N ASP C 13 -42.80 -2.01 17.62
CA ASP C 13 -43.94 -2.19 16.74
C ASP C 13 -43.70 -1.53 15.38
N TYR C 14 -43.19 -0.30 15.38
CA TYR C 14 -43.00 0.40 14.11
C TYR C 14 -41.91 -0.26 13.29
N ILE C 15 -40.79 -0.62 13.92
CA ILE C 15 -39.70 -1.25 13.18
C ILE C 15 -40.19 -2.52 12.49
N THR C 16 -41.03 -3.30 13.17
CA THR C 16 -41.55 -4.52 12.59
C THR C 16 -42.50 -4.23 11.44
N LYS C 17 -43.34 -3.19 11.58
CA LYS C 17 -44.24 -2.82 10.50
C LYS C 17 -43.49 -2.21 9.32
N TYR C 18 -42.44 -1.43 9.60
CA TYR C 18 -41.69 -0.79 8.53
C TYR C 18 -40.95 -1.81 7.68
N PHE C 19 -40.42 -2.87 8.31
CA PHE C 19 -39.54 -3.82 7.62
C PHE C 19 -40.19 -5.16 7.30
N PHE C 20 -41.25 -5.56 8.01
CA PHE C 20 -41.79 -6.89 7.85
C PHE C 20 -43.29 -6.91 7.58
N THR C 21 -44.08 -6.44 8.54
CA THR C 21 -45.52 -6.73 8.52
C THR C 21 -46.30 -5.82 7.56
N GLU C 22 -45.88 -4.56 7.42
CA GLU C 22 -46.59 -3.62 6.56
C GLU C 22 -45.73 -3.09 5.41
N GLY C 23 -44.45 -3.44 5.37
CA GLY C 23 -43.59 -2.97 4.29
C GLY C 23 -43.66 -1.49 4.05
N ILE C 24 -43.64 -0.70 5.13
CA ILE C 24 -43.69 0.76 4.98
C ILE C 24 -42.49 1.25 4.19
N TYR C 25 -41.37 0.55 4.30
CA TYR C 25 -40.18 0.96 3.56
C TYR C 25 -40.42 0.96 2.05
N LEU C 26 -41.36 0.17 1.56
CA LEU C 26 -41.66 0.16 0.14
C LEU C 26 -42.69 1.22 -0.25
N GLN C 27 -43.61 1.58 0.64
CA GLN C 27 -44.52 2.68 0.34
C GLN C 27 -43.76 4.00 0.31
N LYS C 28 -42.87 4.21 1.28
CA LYS C 28 -42.07 5.44 1.29
C LYS C 28 -41.12 5.48 0.11
N ARG C 29 -40.58 4.33 -0.28
CA ARG C 29 -39.79 4.28 -1.52
C ARG C 29 -40.62 4.77 -2.68
N GLN C 30 -41.86 4.28 -2.78
CA GLN C 30 -42.73 4.66 -3.88
C GLN C 30 -43.05 6.15 -3.83
N ARG C 31 -43.31 6.69 -2.64
CA ARG C 31 -43.61 8.11 -2.55
C ARG C 31 -42.40 8.95 -2.92
N GLU C 32 -41.21 8.56 -2.46
CA GLU C 32 -40.02 9.36 -2.73
C GLU C 32 -39.62 9.28 -4.20
N GLN C 33 -39.90 8.16 -4.87
CA GLN C 33 -39.69 8.09 -6.31
C GLN C 33 -40.62 9.04 -7.05
N ARG C 34 -41.85 9.19 -6.56
CA ARG C 34 -42.78 10.14 -7.17
C ARG C 34 -42.32 11.57 -6.95
N LEU C 35 -41.87 11.89 -5.74
CA LEU C 35 -41.42 13.26 -5.45
C LEU C 35 -40.25 13.65 -6.35
N LEU C 36 -39.33 12.72 -6.58
CA LEU C 36 -38.23 12.98 -7.50
C LEU C 36 -38.76 13.31 -8.90
N GLU C 37 -39.56 12.41 -9.47
CA GLU C 37 -40.13 12.66 -10.80
C GLU C 37 -40.80 14.02 -10.87
N SER C 38 -41.52 14.41 -9.81
CA SER C 38 -42.15 15.73 -9.79
C SER C 38 -41.09 16.83 -9.78
N TYR C 39 -40.12 16.73 -8.86
CA TYR C 39 -39.04 17.72 -8.83
C TYR C 39 -38.30 17.78 -10.16
N ARG C 40 -38.05 16.62 -10.77
CA ARG C 40 -37.39 16.59 -12.07
C ARG C 40 -38.22 17.34 -13.11
N ALA C 41 -39.49 16.97 -13.26
CA ALA C 41 -40.36 17.61 -14.23
C ALA C 41 -40.48 19.11 -14.00
N GLU C 42 -40.08 19.60 -12.83
CA GLU C 42 -40.04 21.04 -12.56
C GLU C 42 -38.67 21.63 -12.86
N GLY C 43 -37.74 20.85 -13.41
CA GLY C 43 -36.44 21.34 -13.81
C GLY C 43 -35.47 21.62 -12.68
N LYS C 44 -35.84 21.35 -11.43
CA LYS C 44 -35.05 21.72 -10.27
C LYS C 44 -34.19 20.59 -9.72
N LEU C 45 -34.32 19.38 -10.25
CA LEU C 45 -33.45 18.28 -9.90
C LEU C 45 -33.19 17.44 -11.14
N GLY C 46 -32.17 16.60 -11.07
CA GLY C 46 -31.82 15.74 -12.19
C GLY C 46 -30.47 15.07 -12.06
N VAL C 48 -29.75 12.49 -9.87
CA VAL C 48 -29.51 12.17 -8.48
C VAL C 48 -29.11 10.71 -8.33
N GLN C 49 -28.35 10.41 -7.30
CA GLN C 49 -27.99 9.03 -6.97
C GLN C 49 -29.06 8.44 -6.05
N CYS C 50 -29.54 7.25 -6.41
CA CYS C 50 -30.55 6.54 -5.63
C CYS C 50 -29.99 5.20 -5.20
N ARG C 51 -30.00 4.95 -3.91
CA ARG C 51 -29.61 3.66 -3.34
C ARG C 51 -30.79 3.06 -2.60
N LEU C 52 -31.00 1.77 -2.80
CA LEU C 52 -32.17 1.07 -2.29
C LEU C 52 -31.75 -0.10 -1.42
N MET C 53 -32.65 -0.48 -0.52
CA MET C 53 -32.43 -1.60 0.38
C MET C 53 -32.81 -2.91 -0.30
N GLU C 54 -32.05 -3.97 0.01
CA GLU C 54 -32.44 -5.30 -0.41
C GLU C 54 -33.60 -5.79 0.46
N GLU C 55 -34.06 -7.01 0.20
CA GLU C 55 -35.11 -7.58 1.03
C GLU C 55 -34.64 -7.62 2.49
N PRO C 56 -35.40 -7.06 3.43
CA PRO C 56 -34.92 -6.99 4.82
C PRO C 56 -34.49 -8.35 5.34
N PRO C 57 -33.51 -8.41 6.22
CA PRO C 57 -33.14 -9.69 6.84
C PRO C 57 -34.19 -10.13 7.84
N ASP C 58 -34.12 -11.41 8.19
CA ASP C 58 -35.00 -11.92 9.24
C ASP C 58 -34.58 -11.43 10.61
N ARG C 59 -33.34 -10.96 10.75
CA ARG C 59 -32.82 -10.39 11.99
C ARG C 59 -32.22 -9.04 11.66
N LEU C 60 -32.79 -7.97 12.20
CA LEU C 60 -32.36 -6.62 11.89
C LEU C 60 -31.17 -6.23 12.77
N HIS C 61 -30.26 -5.44 12.19
CA HIS C 61 -29.17 -4.84 12.96
C HIS C 61 -29.65 -3.49 13.48
N VAL C 62 -29.75 -3.38 14.80
CA VAL C 62 -30.28 -2.19 15.46
C VAL C 62 -29.25 -1.63 16.42
N LEU C 63 -29.08 -0.31 16.41
CA LEU C 63 -28.12 0.39 17.24
C LEU C 63 -28.87 1.29 18.20
N ASP C 64 -28.74 1.04 19.50
CA ASP C 64 -29.44 1.79 20.54
C ASP C 64 -28.44 2.72 21.21
N VAL C 65 -28.51 4.01 20.87
CA VAL C 65 -27.60 5.03 21.39
C VAL C 65 -28.27 5.73 22.56
N GLY C 66 -27.58 5.76 23.70
CA GLY C 66 -28.25 6.12 24.93
C GLY C 66 -29.04 4.99 25.54
N SER C 67 -28.70 3.76 25.21
CA SER C 67 -29.32 2.57 25.81
C SER C 67 -28.83 2.48 27.26
N CYS C 68 -29.66 2.93 28.19
CA CYS C 68 -29.29 2.84 29.60
C CYS C 68 -29.15 1.36 29.97
N PHE C 69 -30.26 0.64 29.94
CA PHE C 69 -30.25 -0.82 29.93
C PHE C 69 -30.30 -1.25 28.46
N ASN C 70 -30.70 -2.48 28.17
CA ASN C 70 -30.81 -2.97 26.79
C ASN C 70 -32.26 -3.34 26.50
N PRO C 71 -33.16 -2.35 26.44
CA PRO C 71 -34.59 -2.66 26.36
C PRO C 71 -34.96 -3.49 25.14
N PHE C 72 -34.30 -3.27 24.00
CA PHE C 72 -34.71 -3.87 22.73
C PHE C 72 -33.99 -5.17 22.42
N SER C 73 -33.05 -5.61 23.25
CA SER C 73 -32.29 -6.82 22.92
C SER C 73 -33.22 -8.03 22.79
N SER C 74 -34.07 -8.26 23.80
CA SER C 74 -34.96 -9.41 23.77
C SER C 74 -35.97 -9.35 22.64
N ALA C 75 -36.14 -8.20 22.02
CA ALA C 75 -37.11 -8.08 20.94
C ALA C 75 -36.77 -9.06 19.82
N PRO C 76 -37.73 -9.84 19.32
CA PRO C 76 -37.42 -10.79 18.25
C PRO C 76 -37.00 -10.09 16.97
N HIS C 77 -36.03 -10.70 16.27
CA HIS C 77 -35.55 -10.20 14.99
C HIS C 77 -34.85 -8.85 15.12
N LEU C 78 -34.25 -8.61 16.28
CA LEU C 78 -33.50 -7.38 16.53
C LEU C 78 -32.15 -7.78 17.15
N GLU C 79 -31.10 -7.76 16.33
CA GLU C 79 -29.73 -7.89 16.82
C GLU C 79 -29.28 -6.49 17.25
N VAL C 80 -29.30 -6.24 18.56
CA VAL C 80 -29.13 -4.89 19.09
C VAL C 80 -27.70 -4.71 19.57
N THR C 81 -27.05 -3.64 19.11
CA THR C 81 -25.78 -3.17 19.65
C THR C 81 -26.08 -1.91 20.45
N ALA C 82 -25.79 -1.95 21.75
CA ALA C 82 -26.21 -0.91 22.68
C ALA C 82 -24.99 -0.14 23.18
N LEU C 83 -25.10 1.18 23.15
CA LEU C 83 -24.04 2.08 23.58
C LEU C 83 -24.58 3.00 24.66
N ASP C 84 -23.69 3.41 25.57
CA ASP C 84 -24.05 4.39 26.59
C ASP C 84 -22.79 4.99 27.17
N LEU C 85 -22.86 6.30 27.47
CA LEU C 85 -21.76 6.97 28.14
C LEU C 85 -21.57 6.45 29.56
N CYS C 86 -22.66 6.06 30.21
CA CYS C 86 -22.62 5.54 31.58
C CYS C 86 -23.54 4.33 31.64
N PRO C 87 -23.10 3.19 31.12
CA PRO C 87 -23.98 2.01 31.07
C PRO C 87 -24.50 1.62 32.45
N ALA C 88 -25.75 1.16 32.48
CA ALA C 88 -26.38 0.67 33.70
C ALA C 88 -26.41 -0.86 33.77
N THR C 89 -26.37 -1.54 32.63
CA THR C 89 -26.32 -2.99 32.58
C THR C 89 -25.05 -3.41 31.85
N GLU C 90 -24.60 -4.63 32.13
CA GLU C 90 -23.33 -5.11 31.62
C GLU C 90 -23.38 -5.51 30.15
N ASP C 91 -24.58 -5.61 29.56
CA ASP C 91 -24.71 -5.88 28.13
C ASP C 91 -24.65 -4.61 27.28
N VAL C 92 -24.67 -3.44 27.90
CA VAL C 92 -24.56 -2.17 27.18
C VAL C 92 -23.10 -1.80 27.06
N LEU C 93 -22.64 -1.54 25.84
CA LEU C 93 -21.27 -1.13 25.63
C LEU C 93 -21.07 0.32 26.08
N GLN C 94 -19.86 0.60 26.55
CA GLN C 94 -19.51 1.94 27.00
C GLN C 94 -18.96 2.75 25.84
N ALA C 95 -19.41 4.00 25.73
CA ALA C 95 -18.93 4.88 24.68
C ALA C 95 -19.57 6.26 24.77
N ASP C 96 -18.83 7.29 24.37
CA ASP C 96 -19.37 8.62 24.12
C ASP C 96 -19.64 8.72 22.62
N PHE C 97 -20.91 8.70 22.24
CA PHE C 97 -21.27 8.75 20.83
C PHE C 97 -20.71 9.97 20.13
N LEU C 98 -20.64 11.12 20.83
CA LEU C 98 -20.10 12.32 20.22
C LEU C 98 -18.68 12.14 19.72
N LYS C 99 -17.96 11.13 20.23
CA LYS C 99 -16.56 10.90 19.88
C LYS C 99 -16.39 9.56 19.19
N VAL C 100 -17.41 9.12 18.44
CA VAL C 100 -17.40 7.85 17.73
C VAL C 100 -17.22 8.12 16.24
N GLU C 101 -16.38 7.30 15.60
CA GLU C 101 -16.12 7.40 14.17
C GLU C 101 -16.97 6.36 13.43
N VAL C 102 -17.60 6.79 12.34
CA VAL C 102 -18.37 5.89 11.48
C VAL C 102 -17.45 5.45 10.35
N VAL C 103 -16.99 4.21 10.41
CA VAL C 103 -15.90 3.73 9.56
C VAL C 103 -16.50 2.85 8.47
N PRO C 104 -16.21 3.10 7.20
CA PRO C 104 -16.57 2.14 6.16
C PRO C 104 -15.58 0.99 6.11
N GLY C 105 -16.06 -0.14 5.61
CA GLY C 105 -15.22 -1.30 5.44
C GLY C 105 -15.05 -2.17 6.66
N ILE C 106 -15.81 -1.94 7.73
CA ILE C 106 -15.77 -2.78 8.91
C ILE C 106 -17.15 -3.37 9.14
N ARG C 107 -17.23 -4.33 10.06
CA ARG C 107 -18.47 -5.04 10.33
C ARG C 107 -18.86 -5.10 11.80
N GLU C 108 -17.98 -4.74 12.72
CA GLU C 108 -18.23 -4.86 14.15
C GLU C 108 -17.70 -3.63 14.87
N PRO C 109 -18.25 -3.31 16.04
CA PRO C 109 -17.69 -2.21 16.83
C PRO C 109 -16.24 -2.50 17.22
N GLU C 110 -15.43 -1.45 17.23
CA GLU C 110 -14.03 -1.54 17.63
C GLU C 110 -13.81 -0.67 18.86
N LEU C 111 -13.23 -1.25 19.89
CA LEU C 111 -13.10 -0.61 21.19
C LEU C 111 -11.64 -0.37 21.52
N GLU C 112 -11.38 0.69 22.28
CA GLU C 112 -10.04 1.02 22.74
C GLU C 112 -10.14 1.51 24.18
N GLU C 113 -9.56 0.74 25.11
CA GLU C 113 -9.62 1.05 26.54
C GLU C 113 -11.06 1.02 27.04
N GLY C 114 -11.82 0.01 26.59
CA GLY C 114 -13.17 -0.21 27.05
C GLY C 114 -14.24 0.56 26.32
N SER C 115 -13.88 1.59 25.56
CA SER C 115 -14.84 2.48 24.90
C SER C 115 -14.90 2.18 23.40
N VAL C 116 -16.11 2.21 22.86
CA VAL C 116 -16.28 2.08 21.42
C VAL C 116 -15.78 3.34 20.75
N ARG C 117 -14.74 3.21 19.94
CA ARG C 117 -14.20 4.33 19.18
C ARG C 117 -14.68 4.34 17.74
N ARG C 118 -15.03 3.17 17.20
CA ARG C 118 -15.39 3.04 15.79
C ARG C 118 -16.58 2.10 15.64
N LEU C 119 -17.53 2.51 14.82
CA LEU C 119 -18.72 1.73 14.49
C LEU C 119 -18.80 1.52 12.99
N PRO C 120 -19.49 0.47 12.53
CA PRO C 120 -19.52 0.16 11.09
C PRO C 120 -20.48 1.08 10.33
N ALA C 121 -20.00 1.60 9.21
CA ALA C 121 -20.81 2.47 8.37
C ALA C 121 -21.75 1.65 7.50
N SER C 122 -22.93 2.22 7.25
CA SER C 122 -23.94 1.59 6.39
C SER C 122 -24.08 0.12 6.72
N HIS C 123 -24.56 -0.14 7.93
CA HIS C 123 -24.61 -1.49 8.48
C HIS C 123 -25.85 -1.74 9.32
N TYR C 124 -26.60 -0.72 9.70
CA TYR C 124 -27.73 -0.84 10.62
C TYR C 124 -29.01 -0.52 9.88
N GLU C 125 -30.01 -1.41 10.02
CA GLU C 125 -31.34 -1.11 9.52
C GLU C 125 -32.05 -0.10 10.40
N CYS C 126 -31.65 0.03 11.66
CA CYS C 126 -32.29 0.96 12.59
C CYS C 126 -31.25 1.55 13.54
N VAL C 127 -31.43 2.82 13.86
CA VAL C 127 -30.69 3.51 14.92
C VAL C 127 -31.72 4.17 15.82
N ILE C 128 -31.55 4.02 17.14
CA ILE C 128 -32.53 4.50 18.10
C ILE C 128 -31.89 5.56 18.99
N PHE C 129 -32.52 6.73 19.03
CA PHE C 129 -32.16 7.82 19.95
C PHE C 129 -33.36 7.99 20.88
N SER C 130 -33.51 7.08 21.84
CA SER C 130 -34.63 7.10 22.78
C SER C 130 -34.25 7.97 23.97
N LEU C 131 -34.76 9.22 23.97
CA LEU C 131 -34.52 10.17 25.06
C LEU C 131 -33.02 10.36 25.30
N LEU C 132 -32.33 10.81 24.26
CA LEU C 132 -30.88 11.00 24.28
C LEU C 132 -30.47 12.42 23.95
N LEU C 133 -31.02 13.00 22.87
CA LEU C 133 -30.50 14.26 22.36
C LEU C 133 -30.64 15.41 23.36
N GLU C 134 -31.57 15.29 24.31
CA GLU C 134 -31.70 16.34 25.33
C GLU C 134 -30.52 16.35 26.29
N TYR C 135 -29.83 15.23 26.45
CA TYR C 135 -28.61 15.18 27.25
C TYR C 135 -27.39 15.73 26.53
N MET C 136 -27.56 16.27 25.34
CA MET C 136 -26.41 16.76 24.59
C MET C 136 -26.13 18.22 24.94
N PRO C 137 -24.88 18.68 24.81
CA PRO C 137 -24.56 20.04 25.25
C PRO C 137 -25.07 21.10 24.29
N SER C 138 -24.68 21.02 23.02
CA SER C 138 -25.04 22.02 22.03
C SER C 138 -26.07 21.46 21.05
N ALA C 139 -26.74 22.38 20.36
CA ALA C 139 -27.58 21.96 19.24
C ALA C 139 -26.74 21.50 18.05
N GLU C 140 -25.50 22.01 17.94
CA GLU C 140 -24.59 21.52 16.91
C GLU C 140 -24.23 20.06 17.16
N GLN C 141 -24.04 19.69 18.43
CA GLN C 141 -23.72 18.31 18.76
C GLN C 141 -24.94 17.40 18.65
N ARG C 142 -26.15 17.96 18.69
CA ARG C 142 -27.34 17.15 18.47
C ARG C 142 -27.47 16.76 17.00
N LEU C 143 -27.26 17.72 16.10
CA LEU C 143 -27.22 17.37 14.68
C LEU C 143 -26.10 16.39 14.38
N GLN C 144 -24.94 16.60 15.00
CA GLN C 144 -23.82 15.68 14.82
C GLN C 144 -24.27 14.24 15.08
N CYS C 145 -25.05 14.03 16.13
CA CYS C 145 -25.56 12.69 16.40
C CYS C 145 -26.38 12.16 15.24
N CYS C 146 -27.26 12.99 14.67
CA CYS C 146 -28.07 12.53 13.55
C CYS C 146 -27.25 12.35 12.28
N LEU C 147 -26.19 13.16 12.10
CA LEU C 147 -25.35 13.03 10.92
C LEU C 147 -24.55 11.73 10.95
N GLN C 148 -24.06 11.36 12.13
CA GLN C 148 -23.39 10.06 12.27
C GLN C 148 -24.39 8.93 12.06
N ALA C 149 -25.57 9.02 12.66
CA ALA C 149 -26.61 8.03 12.43
C ALA C 149 -26.85 7.82 10.95
N TYR C 150 -26.83 8.91 10.17
CA TYR C 150 -27.07 8.79 8.74
C TYR C 150 -25.99 7.96 8.05
N ASP C 151 -24.73 8.20 8.44
CA ASP C 151 -23.63 7.40 7.88
C ASP C 151 -23.72 5.95 8.37
N LEU C 152 -24.32 5.73 9.53
CA LEU C 152 -24.41 4.40 10.09
C LEU C 152 -25.55 3.59 9.48
N LEU C 153 -26.59 4.25 8.98
CA LEU C 153 -27.78 3.55 8.52
C LEU C 153 -27.57 2.99 7.11
N LEU C 154 -28.30 1.92 6.82
CA LEU C 154 -28.37 1.41 5.47
C LEU C 154 -29.35 2.25 4.65
N PRO C 155 -29.24 2.20 3.32
CA PRO C 155 -30.27 2.84 2.49
C PRO C 155 -31.67 2.47 2.97
N GLU C 156 -32.50 3.48 3.18
CA GLU C 156 -33.88 3.33 3.60
C GLU C 156 -34.00 2.78 5.02
N GLY C 157 -32.91 2.76 5.78
CA GLY C 157 -33.01 2.54 7.22
C GLY C 157 -33.75 3.68 7.87
N ILE C 158 -34.05 3.50 9.16
CA ILE C 158 -34.89 4.43 9.90
C ILE C 158 -34.20 4.84 11.20
N LEU C 159 -34.24 6.14 11.51
CA LEU C 159 -33.78 6.67 12.79
C LEU C 159 -35.01 6.92 13.66
N VAL C 160 -35.07 6.24 14.81
CA VAL C 160 -36.16 6.39 15.76
C VAL C 160 -35.74 7.40 16.82
N LEU C 161 -36.45 8.53 16.89
CA LEU C 161 -36.11 9.64 17.77
C LEU C 161 -37.28 9.89 18.72
N ILE C 162 -37.03 9.77 20.02
CA ILE C 162 -38.04 9.94 21.06
C ILE C 162 -37.59 11.09 21.95
N THR C 163 -38.40 12.14 22.03
CA THR C 163 -38.01 13.37 22.71
C THR C 163 -38.99 13.71 23.83
N PRO C 164 -38.51 14.33 24.92
CA PRO C 164 -39.42 14.79 25.96
C PRO C 164 -40.35 15.89 25.46
N ASP C 165 -41.63 15.77 25.78
CA ASP C 165 -42.61 16.74 25.34
C ASP C 165 -43.77 16.81 26.33
N HIS C 174 -42.87 25.88 15.45
CA HIS C 174 -42.66 24.79 16.39
C HIS C 174 -41.32 24.09 16.13
N LEU C 175 -40.78 23.46 17.16
CA LEU C 175 -39.46 22.84 17.04
C LEU C 175 -39.50 21.63 16.10
N MET C 176 -40.56 20.81 16.18
CA MET C 176 -40.60 19.60 15.39
C MET C 176 -40.65 19.92 13.90
N LYS C 177 -41.20 21.08 13.53
CA LYS C 177 -41.15 21.49 12.13
C LYS C 177 -39.75 21.88 11.73
N ASN C 178 -38.97 22.43 12.67
CA ASN C 178 -37.57 22.73 12.39
C ASN C 178 -36.73 21.47 12.38
N TRP C 179 -37.06 20.49 13.22
CA TRP C 179 -36.35 19.22 13.20
C TRP C 179 -36.58 18.49 11.89
N ARG C 180 -37.81 18.54 11.38
CA ARG C 180 -38.11 17.92 10.08
C ARG C 180 -37.29 18.56 8.97
N TYR C 181 -37.14 19.89 9.02
CA TYR C 181 -36.36 20.58 7.99
C TYR C 181 -34.88 20.30 8.14
N SER C 182 -34.36 20.44 9.37
CA SER C 182 -32.93 20.27 9.60
C SER C 182 -32.49 18.84 9.31
N LEU C 183 -33.38 17.87 9.51
CA LEU C 183 -33.02 16.47 9.26
C LEU C 183 -33.22 16.11 7.79
N ALA C 184 -34.27 16.64 7.15
CA ALA C 184 -34.37 16.49 5.71
C ALA C 184 -33.18 17.12 5.00
N ARG C 185 -32.62 18.19 5.59
CA ARG C 185 -31.44 18.81 5.02
C ARG C 185 -30.26 17.84 4.96
N ILE C 186 -30.20 16.88 5.88
CA ILE C 186 -29.07 15.97 5.97
C ILE C 186 -29.39 14.60 5.37
N GLY C 187 -30.55 14.45 4.74
CA GLY C 187 -30.90 13.22 4.06
C GLY C 187 -31.91 12.35 4.75
N LEU C 188 -32.58 12.85 5.78
CA LEU C 188 -33.54 12.07 6.57
C LEU C 188 -34.90 12.72 6.42
N LEU C 189 -35.84 11.98 5.83
CA LEU C 189 -37.23 12.41 5.74
C LEU C 189 -38.04 11.77 6.86
N ARG C 190 -38.97 12.53 7.42
CA ARG C 190 -39.82 12.00 8.48
C ARG C 190 -40.94 11.15 7.89
N VAL C 191 -41.27 10.05 8.58
CA VAL C 191 -42.25 9.09 8.09
C VAL C 191 -43.31 8.80 9.14
N ARG C 192 -43.14 9.31 10.37
CA ARG C 192 -44.11 9.07 11.43
C ARG C 192 -43.88 10.03 12.58
N PHE C 193 -44.99 10.50 13.15
CA PHE C 193 -44.96 11.34 14.36
C PHE C 193 -46.18 11.02 15.18
N GLU C 194 -45.98 10.75 16.47
CA GLU C 194 -47.08 10.41 17.36
C GLU C 194 -46.79 10.93 18.75
N LYS C 195 -47.85 11.27 19.47
CA LYS C 195 -47.75 11.87 20.80
C LYS C 195 -48.15 10.80 21.81
N LEU C 196 -47.16 10.16 22.42
CA LEU C 196 -47.38 9.25 23.53
C LEU C 196 -47.25 10.01 24.85
N PRO C 197 -47.77 9.44 25.94
CA PRO C 197 -47.72 10.15 27.23
C PRO C 197 -46.38 10.80 27.56
N HIS C 198 -46.39 12.14 27.62
CA HIS C 198 -45.28 12.99 28.01
C HIS C 198 -44.15 13.02 26.99
N ILE C 199 -44.28 12.33 25.85
CA ILE C 199 -43.19 12.21 24.88
C ILE C 199 -43.73 12.40 23.47
N SER C 200 -42.80 12.63 22.54
CA SER C 200 -43.08 12.69 21.13
C SER C 200 -42.20 11.66 20.43
N CYS C 201 -42.82 10.74 19.69
CA CYS C 201 -42.12 9.63 19.06
C CYS C 201 -42.08 9.87 17.56
N MET C 202 -40.86 9.89 17.01
CA MET C 202 -40.61 10.21 15.61
C MET C 202 -39.80 9.10 14.96
N VAL C 203 -40.00 8.93 13.65
CA VAL C 203 -39.16 8.07 12.83
C VAL C 203 -38.74 8.87 11.61
N PHE C 204 -37.43 8.90 11.35
CA PHE C 204 -36.86 9.56 10.19
C PHE C 204 -36.21 8.51 9.31
N ARG C 205 -36.58 8.49 8.04
CA ARG C 205 -36.10 7.49 7.09
C ARG C 205 -34.96 8.08 6.27
N LYS C 206 -33.96 7.25 5.99
CA LYS C 206 -32.88 7.60 5.08
C LYS C 206 -33.42 7.52 3.66
N ALA C 207 -33.78 8.67 3.09
CA ALA C 207 -34.40 8.70 1.78
C ALA C 207 -33.54 8.01 0.73
N ILE C 208 -34.18 7.63 -0.38
CA ILE C 208 -33.46 6.98 -1.46
C ILE C 208 -32.37 7.88 -2.01
N SER C 209 -32.53 9.20 -1.87
CA SER C 209 -31.55 10.17 -2.35
C SER C 209 -31.46 11.33 -1.38
N ARG C 210 -30.24 11.62 -0.91
CA ARG C 210 -30.05 12.77 -0.03
C ARG C 210 -30.38 14.07 -0.75
N GLU C 211 -29.93 14.19 -2.00
CA GLU C 211 -30.25 15.37 -2.79
C GLU C 211 -31.76 15.57 -2.89
N LEU C 212 -32.54 14.48 -2.86
CA LEU C 212 -34.01 14.59 -2.84
C LEU C 212 -34.49 15.16 -1.51
N SER C 213 -34.05 14.57 -0.40
CA SER C 213 -34.45 15.07 0.91
C SER C 213 -34.06 16.54 1.07
N GLN C 214 -32.90 16.93 0.55
CA GLN C 214 -32.46 18.32 0.67
C GLN C 214 -33.37 19.26 -0.12
N HIS C 215 -33.79 18.85 -1.32
CA HIS C 215 -34.68 19.69 -2.10
C HIS C 215 -36.00 19.90 -1.38
N TRP C 216 -36.60 18.82 -0.89
CA TRP C 216 -37.81 18.94 -0.09
C TRP C 216 -37.61 19.95 1.03
N ALA C 217 -36.45 19.93 1.68
CA ALA C 217 -36.19 20.86 2.77
C ALA C 217 -36.14 22.30 2.29
N SER C 218 -35.44 22.55 1.18
CA SER C 218 -35.36 23.91 0.64
C SER C 218 -36.74 24.47 0.38
N ILE C 219 -37.61 23.68 -0.25
CA ILE C 219 -38.97 24.12 -0.53
C ILE C 219 -39.77 24.31 0.74
N HIS C 220 -39.31 23.76 1.87
CA HIS C 220 -40.10 23.70 3.09
C HIS C 220 -39.45 24.46 4.25
N ARG C 221 -38.49 25.34 3.97
CA ARG C 221 -37.89 26.13 5.03
C ARG C 221 -38.82 27.29 5.43
N GLU C 222 -38.45 27.96 6.50
CA GLU C 222 -39.24 29.08 7.00
C GLU C 222 -38.33 30.18 7.55
N CYS C 226 -33.29 27.68 11.16
CA CYS C 226 -32.31 26.97 11.98
C CYS C 226 -31.90 25.65 11.32
N GLU C 227 -30.61 25.52 11.02
CA GLU C 227 -30.10 24.32 10.37
C GLU C 227 -29.80 23.19 11.35
N GLU C 228 -29.72 23.50 12.64
CA GLU C 228 -29.37 22.51 13.65
C GLU C 228 -30.61 22.04 14.41
N ILE C 229 -30.39 21.06 15.27
CA ILE C 229 -31.44 20.44 16.08
C ILE C 229 -31.36 21.06 17.47
N ARG C 230 -32.36 21.86 17.82
CA ARG C 230 -32.37 22.59 19.08
C ARG C 230 -33.51 22.10 19.95
N ILE C 231 -33.25 21.98 21.24
CA ILE C 231 -34.28 21.65 22.24
C ILE C 231 -34.87 22.95 22.77
N PRO C 232 -35.91 22.90 23.62
CA PRO C 232 -36.43 24.13 24.23
C PRO C 232 -35.45 24.76 25.22
N SER D 6 24.49 9.13 -3.45
CA SER D 6 25.35 8.07 -2.96
C SER D 6 25.72 7.07 -4.07
N ARG D 7 27.00 6.66 -4.08
CA ARG D 7 27.44 5.67 -5.06
C ARG D 7 26.89 4.29 -4.75
N ILE D 8 26.65 3.99 -3.46
CA ILE D 8 26.14 2.68 -3.08
C ILE D 8 24.69 2.52 -3.54
N LYS D 9 23.89 3.59 -3.44
CA LYS D 9 22.52 3.53 -3.91
C LYS D 9 22.45 3.49 -5.43
N TRP D 10 23.39 4.18 -6.09
CA TRP D 10 23.44 4.14 -7.55
C TRP D 10 23.72 2.73 -8.06
N ALA D 11 24.66 2.03 -7.43
CA ALA D 11 25.05 0.71 -7.91
C ALA D 11 23.96 -0.33 -7.66
N ILE D 12 23.41 -0.34 -6.44
CA ILE D 12 22.32 -1.27 -6.14
C ILE D 12 21.17 -1.06 -7.12
N ASP D 13 20.88 0.19 -7.44
CA ASP D 13 19.81 0.48 -8.38
C ASP D 13 20.11 -0.08 -9.76
N TYR D 14 21.36 0.08 -10.22
CA TYR D 14 21.67 -0.37 -11.57
C TYR D 14 21.69 -1.89 -11.66
N ILE D 15 22.34 -2.55 -10.69
CA ILE D 15 22.38 -4.01 -10.69
C ILE D 15 20.98 -4.58 -10.80
N THR D 16 20.03 -3.99 -10.06
CA THR D 16 18.66 -4.48 -10.11
C THR D 16 18.06 -4.26 -11.49
N LYS D 17 18.37 -3.13 -12.13
CA LYS D 17 17.85 -2.87 -13.47
C LYS D 17 18.54 -3.74 -14.51
N TYR D 18 19.81 -4.06 -14.29
CA TYR D 18 20.56 -4.84 -15.27
C TYR D 18 20.05 -6.28 -15.34
N PHE D 19 19.77 -6.89 -14.19
CA PHE D 19 19.46 -8.30 -14.11
C PHE D 19 17.97 -8.61 -13.99
N PHE D 20 17.19 -7.72 -13.38
CA PHE D 20 15.80 -8.00 -13.06
C PHE D 20 14.83 -7.00 -13.68
N THR D 21 14.92 -5.72 -13.30
CA THR D 21 13.82 -4.80 -13.54
C THR D 21 13.71 -4.40 -15.00
N GLU D 22 14.84 -4.22 -15.69
CA GLU D 22 14.85 -3.75 -17.06
C GLU D 22 15.49 -4.73 -18.04
N GLY D 23 16.17 -5.77 -17.57
CA GLY D 23 16.78 -6.74 -18.45
C GLY D 23 17.82 -6.15 -19.38
N ILE D 24 18.63 -5.21 -18.89
CA ILE D 24 19.68 -4.63 -19.73
C ILE D 24 20.63 -5.71 -20.20
N TYR D 25 20.82 -6.78 -19.41
CA TYR D 25 21.70 -7.85 -19.84
C TYR D 25 21.19 -8.51 -21.12
N LEU D 26 19.88 -8.55 -21.32
CA LEU D 26 19.34 -9.11 -22.56
C LEU D 26 19.34 -8.09 -23.69
N GLN D 27 19.29 -6.79 -23.36
CA GLN D 27 19.38 -5.77 -24.40
C GLN D 27 20.80 -5.63 -24.90
N LYS D 28 21.78 -5.65 -24.00
CA LYS D 28 23.18 -5.56 -24.41
C LYS D 28 23.63 -6.84 -25.11
N ARG D 29 22.98 -7.97 -24.81
CA ARG D 29 23.21 -9.17 -25.60
C ARG D 29 22.78 -8.95 -27.05
N GLN D 30 21.58 -8.40 -27.25
CA GLN D 30 21.14 -8.11 -28.61
C GLN D 30 22.10 -7.15 -29.32
N ARG D 31 22.53 -6.10 -28.62
CA ARG D 31 23.44 -5.13 -29.20
C ARG D 31 24.76 -5.78 -29.61
N GLU D 32 25.24 -6.73 -28.82
CA GLU D 32 26.52 -7.37 -29.12
C GLU D 32 26.38 -8.39 -30.24
N GLN D 33 25.25 -9.09 -30.31
CA GLN D 33 25.02 -10.00 -31.43
C GLN D 33 24.74 -9.24 -32.72
N ARG D 34 24.35 -7.97 -32.61
CA ARG D 34 24.21 -7.13 -33.80
C ARG D 34 25.57 -6.69 -34.31
N LEU D 35 26.45 -6.35 -33.37
CA LEU D 35 27.80 -5.90 -33.72
C LEU D 35 28.63 -7.05 -34.29
N LEU D 36 28.44 -8.26 -33.75
CA LEU D 36 29.20 -9.42 -34.23
C LEU D 36 28.80 -9.79 -35.65
N GLU D 37 27.49 -9.87 -35.92
CA GLU D 37 27.04 -10.13 -37.27
C GLU D 37 27.42 -9.00 -38.22
N SER D 38 27.66 -7.80 -37.70
CA SER D 38 28.14 -6.71 -38.54
C SER D 38 29.61 -6.91 -38.89
N TYR D 39 30.44 -7.19 -37.88
CA TYR D 39 31.83 -7.57 -38.16
C TYR D 39 31.88 -8.75 -39.12
N ARG D 40 31.09 -9.79 -38.84
CA ARG D 40 31.10 -10.98 -39.67
C ARG D 40 30.77 -10.64 -41.11
N ALA D 41 29.88 -9.67 -41.33
CA ALA D 41 29.54 -9.25 -42.68
C ALA D 41 30.72 -8.57 -43.37
N GLU D 42 31.56 -7.86 -42.61
CA GLU D 42 32.78 -7.27 -43.14
C GLU D 42 33.95 -8.26 -43.20
N GLY D 43 33.70 -9.53 -42.88
CA GLY D 43 34.78 -10.50 -42.86
C GLY D 43 35.88 -10.19 -41.86
N LYS D 44 35.58 -9.42 -40.81
CA LYS D 44 36.56 -9.08 -39.78
C LYS D 44 36.39 -9.93 -38.54
N LEU D 45 35.61 -11.00 -38.62
CA LEU D 45 35.40 -11.94 -37.52
C LEU D 45 34.47 -13.05 -38.04
N GLY D 46 34.70 -14.28 -37.61
CA GLY D 46 33.87 -15.38 -38.06
C GLY D 46 33.18 -16.07 -36.91
N GLU D 47 32.97 -17.38 -37.02
CA GLU D 47 32.49 -18.15 -35.88
C GLU D 47 33.42 -17.92 -34.69
N VAL D 48 32.83 -17.77 -33.51
CA VAL D 48 33.58 -17.35 -32.33
C VAL D 48 32.86 -17.86 -31.09
N GLN D 49 33.61 -17.99 -30.00
CA GLN D 49 33.08 -18.50 -28.74
C GLN D 49 32.18 -17.45 -28.10
N CYS D 50 30.87 -17.66 -28.18
CA CYS D 50 29.89 -16.77 -27.55
C CYS D 50 29.25 -17.49 -26.36
N ARG D 51 29.40 -16.90 -25.18
CA ARG D 51 28.91 -17.49 -23.94
C ARG D 51 27.83 -16.61 -23.34
N LEU D 52 26.67 -17.20 -23.07
CA LEU D 52 25.53 -16.47 -22.56
C LEU D 52 25.22 -16.89 -21.12
N MET D 53 24.51 -16.02 -20.42
CA MET D 53 24.12 -16.28 -19.04
C MET D 53 22.73 -16.85 -18.98
N GLU D 54 22.54 -17.83 -18.09
CA GLU D 54 21.21 -18.32 -17.77
C GLU D 54 20.43 -17.26 -17.00
N GLU D 55 19.14 -17.49 -16.82
CA GLU D 55 18.31 -16.50 -16.13
C GLU D 55 18.91 -16.20 -14.75
N PRO D 56 19.18 -14.95 -14.42
CA PRO D 56 19.84 -14.63 -13.14
C PRO D 56 19.00 -15.09 -11.96
N PRO D 57 19.63 -15.67 -10.93
CA PRO D 57 18.88 -16.01 -9.72
C PRO D 57 18.31 -14.76 -9.05
N ASP D 58 17.31 -14.97 -8.20
CA ASP D 58 16.76 -13.86 -7.44
C ASP D 58 17.77 -13.34 -6.42
N ARG D 59 18.70 -14.18 -5.98
CA ARG D 59 19.79 -13.78 -5.10
C ARG D 59 21.09 -13.88 -5.89
N LEU D 60 21.64 -12.74 -6.28
CA LEU D 60 22.84 -12.70 -7.09
C LEU D 60 24.09 -12.84 -6.22
N HIS D 61 25.14 -13.37 -6.83
CA HIS D 61 26.44 -13.50 -6.19
C HIS D 61 27.28 -12.28 -6.54
N VAL D 62 27.51 -11.41 -5.56
CA VAL D 62 28.26 -10.17 -5.75
C VAL D 62 29.57 -10.27 -4.98
N LEU D 63 30.66 -9.83 -5.61
CA LEU D 63 31.97 -9.73 -4.99
C LEU D 63 32.30 -8.24 -4.85
N ASP D 64 32.53 -7.81 -3.62
CA ASP D 64 32.86 -6.41 -3.31
C ASP D 64 34.32 -6.36 -2.89
N VAL D 65 35.17 -5.90 -3.81
CA VAL D 65 36.61 -5.81 -3.59
C VAL D 65 36.92 -4.38 -3.15
N GLY D 66 37.69 -4.25 -2.08
CA GLY D 66 37.81 -2.97 -1.43
C GLY D 66 36.61 -2.60 -0.59
N SER D 67 35.74 -3.57 -0.28
CA SER D 67 34.65 -3.35 0.65
C SER D 67 35.19 -2.96 2.01
N CYS D 68 34.99 -1.70 2.41
CA CYS D 68 35.51 -1.29 3.70
C CYS D 68 34.60 -1.73 4.84
N PHE D 69 33.27 -1.70 4.63
CA PHE D 69 32.34 -2.04 5.69
C PHE D 69 31.14 -2.85 5.17
N ASN D 70 31.24 -3.42 3.97
CA ASN D 70 30.21 -4.27 3.37
C ASN D 70 28.88 -3.53 3.25
N PRO D 71 28.85 -2.39 2.56
CA PRO D 71 27.58 -1.66 2.39
C PRO D 71 26.53 -2.40 1.56
N PHE D 72 26.94 -3.34 0.70
CA PHE D 72 26.01 -3.98 -0.22
C PHE D 72 25.33 -5.21 0.36
N SER D 73 25.77 -5.71 1.52
CA SER D 73 25.08 -6.82 2.17
C SER D 73 23.68 -6.45 2.61
N SER D 74 23.32 -5.16 2.57
CA SER D 74 21.98 -4.72 2.92
C SER D 74 21.00 -4.82 1.76
N ALA D 75 21.50 -4.82 0.52
CA ALA D 75 20.63 -4.93 -0.63
C ALA D 75 20.01 -6.32 -0.67
N PRO D 76 18.67 -6.44 -0.76
CA PRO D 76 18.04 -7.77 -0.69
C PRO D 76 18.45 -8.70 -1.83
N HIS D 77 18.63 -8.18 -3.04
CA HIS D 77 18.99 -9.02 -4.17
C HIS D 77 20.44 -9.48 -4.15
N LEU D 78 21.25 -9.05 -3.17
CA LEU D 78 22.71 -9.19 -3.25
C LEU D 78 23.21 -10.04 -2.10
N GLU D 79 23.72 -11.23 -2.43
CA GLU D 79 24.52 -12.03 -1.51
C GLU D 79 25.99 -11.69 -1.75
N VAL D 80 26.58 -10.93 -0.83
CA VAL D 80 27.87 -10.27 -1.04
C VAL D 80 28.96 -11.02 -0.30
N THR D 81 30.07 -11.27 -0.98
CA THR D 81 31.30 -11.75 -0.38
C THR D 81 32.27 -10.58 -0.38
N ALA D 82 32.46 -9.96 0.79
CA ALA D 82 33.19 -8.70 0.92
C ALA D 82 34.64 -8.96 1.29
N LEU D 83 35.55 -8.30 0.58
CA LEU D 83 36.99 -8.43 0.78
C LEU D 83 37.61 -7.05 1.06
N ASP D 84 38.71 -7.05 1.82
CA ASP D 84 39.41 -5.80 2.08
C ASP D 84 40.77 -6.08 2.70
N LEU D 85 41.75 -5.28 2.30
CA LEU D 85 43.10 -5.40 2.86
C LEU D 85 43.13 -5.00 4.33
N CYS D 86 42.25 -4.08 4.72
CA CYS D 86 42.15 -3.63 6.11
C CYS D 86 40.68 -3.56 6.49
N PRO D 87 40.08 -4.70 6.78
CA PRO D 87 38.65 -4.72 7.10
C PRO D 87 38.29 -3.77 8.24
N ALA D 88 37.30 -2.92 8.00
CA ALA D 88 36.76 -2.06 9.04
C ALA D 88 35.57 -2.68 9.75
N THR D 89 35.04 -3.80 9.23
CA THR D 89 33.91 -4.49 9.83
C THR D 89 34.21 -5.99 9.85
N GLU D 90 33.51 -6.70 10.75
CA GLU D 90 33.81 -8.12 10.92
C GLU D 90 33.22 -8.97 9.81
N ASP D 91 32.17 -8.48 9.13
CA ASP D 91 31.59 -9.24 8.04
C ASP D 91 32.47 -9.23 6.79
N VAL D 92 33.55 -8.46 6.79
CA VAL D 92 34.42 -8.31 5.63
C VAL D 92 35.65 -9.20 5.82
N LEU D 93 35.91 -10.05 4.84
CA LEU D 93 37.07 -10.92 4.88
C LEU D 93 38.34 -10.13 4.54
N GLN D 94 39.44 -10.45 5.20
CA GLN D 94 40.70 -9.82 4.91
C GLN D 94 41.31 -10.42 3.65
N ALA D 95 41.96 -9.59 2.85
CA ALA D 95 42.61 -10.05 1.62
C ALA D 95 43.35 -8.95 0.90
N ASP D 96 44.42 -9.33 0.19
CA ASP D 96 45.09 -8.48 -0.79
C ASP D 96 44.70 -9.02 -2.15
N PHE D 97 43.71 -8.38 -2.79
CA PHE D 97 43.21 -8.87 -4.07
C PHE D 97 44.34 -9.21 -5.03
N LEU D 98 45.46 -8.49 -4.94
CA LEU D 98 46.58 -8.74 -5.84
C LEU D 98 47.25 -10.08 -5.59
N LYS D 99 47.07 -10.66 -4.39
CA LYS D 99 47.63 -11.96 -4.06
C LYS D 99 46.57 -13.07 -4.07
N VAL D 100 45.42 -12.82 -4.70
CA VAL D 100 44.33 -13.79 -4.79
C VAL D 100 44.32 -14.39 -6.19
N GLU D 101 44.01 -15.67 -6.26
CA GLU D 101 43.95 -16.40 -7.52
C GLU D 101 42.51 -16.77 -7.84
N VAL D 102 42.07 -16.44 -9.04
CA VAL D 102 40.77 -16.87 -9.54
C VAL D 102 40.93 -18.32 -10.03
N VAL D 103 40.30 -19.26 -9.34
CA VAL D 103 40.48 -20.69 -9.59
C VAL D 103 39.21 -21.23 -10.21
N PRO D 104 39.29 -21.91 -11.37
CA PRO D 104 38.06 -22.36 -12.03
C PRO D 104 37.15 -23.24 -11.18
N GLY D 105 37.69 -24.34 -10.63
CA GLY D 105 36.82 -25.42 -10.16
C GLY D 105 36.12 -25.17 -8.84
N ILE D 106 36.74 -24.44 -7.92
CA ILE D 106 36.20 -24.29 -6.57
C ILE D 106 34.87 -23.53 -6.62
N ARG D 107 34.12 -23.57 -5.52
CA ARG D 107 32.82 -22.94 -5.42
C ARG D 107 32.70 -21.95 -4.29
N GLU D 108 33.68 -21.85 -3.40
CA GLU D 108 33.67 -20.91 -2.31
C GLU D 108 35.07 -20.32 -2.14
N PRO D 109 35.17 -19.16 -1.48
CA PRO D 109 36.50 -18.60 -1.20
C PRO D 109 37.28 -19.51 -0.25
N GLU D 110 38.54 -19.76 -0.61
CA GLU D 110 39.45 -20.57 0.20
C GLU D 110 40.44 -19.63 0.88
N LEU D 111 40.41 -19.60 2.21
CA LEU D 111 41.26 -18.72 3.00
C LEU D 111 42.48 -19.47 3.52
N GLU D 112 43.52 -18.69 3.86
CA GLU D 112 44.77 -19.25 4.39
C GLU D 112 45.29 -18.29 5.45
N GLU D 113 45.16 -18.69 6.72
CA GLU D 113 45.63 -17.89 7.85
C GLU D 113 44.82 -16.61 8.02
N GLY D 114 43.53 -16.63 7.66
CA GLY D 114 42.66 -15.49 7.83
C GLY D 114 42.54 -14.60 6.61
N SER D 115 43.39 -14.77 5.61
CA SER D 115 43.38 -13.97 4.40
C SER D 115 42.87 -14.80 3.23
N VAL D 116 41.95 -14.23 2.45
CA VAL D 116 41.46 -14.90 1.25
C VAL D 116 42.58 -14.97 0.21
N ARG D 117 42.85 -16.18 -0.27
CA ARG D 117 43.93 -16.40 -1.22
C ARG D 117 43.45 -17.02 -2.53
N ARG D 118 42.22 -17.55 -2.59
CA ARG D 118 41.67 -18.13 -3.79
C ARG D 118 40.18 -17.86 -3.84
N LEU D 119 39.69 -17.50 -5.03
CA LEU D 119 38.27 -17.19 -5.24
C LEU D 119 37.74 -17.98 -6.43
N PRO D 120 36.43 -18.23 -6.47
CA PRO D 120 35.87 -19.09 -7.53
C PRO D 120 35.68 -18.33 -8.84
N ALA D 121 36.13 -18.93 -9.94
CA ALA D 121 36.01 -18.31 -11.24
C ALA D 121 34.60 -18.47 -11.79
N SER D 122 34.22 -17.54 -12.66
CA SER D 122 32.90 -17.54 -13.29
C SER D 122 31.81 -17.92 -12.30
N HIS D 123 31.80 -17.21 -11.17
CA HIS D 123 30.90 -17.49 -10.06
C HIS D 123 30.02 -16.32 -9.67
N TYR D 124 30.40 -15.08 -10.01
CA TYR D 124 29.69 -13.90 -9.56
C TYR D 124 29.00 -13.20 -10.72
N GLU D 125 27.79 -12.69 -10.47
CA GLU D 125 27.11 -11.88 -11.46
C GLU D 125 27.58 -10.44 -11.45
N CYS D 126 28.23 -10.00 -10.37
CA CYS D 126 28.70 -8.63 -10.27
C CYS D 126 29.94 -8.57 -9.39
N VAL D 127 30.90 -7.78 -9.82
CA VAL D 127 32.10 -7.46 -9.03
C VAL D 127 32.19 -5.94 -8.93
N ILE D 128 32.47 -5.44 -7.73
CA ILE D 128 32.39 -4.02 -7.43
C ILE D 128 33.77 -3.50 -7.02
N PHE D 129 34.29 -2.54 -7.79
CA PHE D 129 35.49 -1.79 -7.44
C PHE D 129 35.03 -0.37 -7.13
N SER D 130 34.61 -0.14 -5.89
CA SER D 130 34.16 1.18 -5.46
C SER D 130 35.33 1.91 -4.83
N LEU D 131 35.97 2.78 -5.61
CA LEU D 131 37.08 3.62 -5.14
C LEU D 131 38.20 2.74 -4.60
N LEU D 132 38.69 1.84 -5.45
CA LEU D 132 39.75 0.91 -5.11
C LEU D 132 40.96 1.04 -6.02
N LEU D 133 40.74 1.23 -7.33
CA LEU D 133 41.82 1.16 -8.31
C LEU D 133 42.81 2.30 -8.19
N GLU D 134 42.52 3.34 -7.41
CA GLU D 134 43.48 4.41 -7.18
C GLU D 134 44.39 4.11 -6.00
N TYR D 135 43.94 3.28 -5.06
CA TYR D 135 44.77 2.78 -3.98
C TYR D 135 45.66 1.63 -4.42
N MET D 136 45.80 1.42 -5.73
CA MET D 136 46.73 0.48 -6.32
C MET D 136 47.91 1.22 -6.92
N PRO D 137 49.11 0.68 -6.81
CA PRO D 137 50.30 1.48 -7.16
C PRO D 137 50.56 1.55 -8.65
N SER D 138 50.64 0.39 -9.31
CA SER D 138 51.08 0.30 -10.69
C SER D 138 49.87 0.13 -11.62
N ALA D 139 49.92 0.81 -12.77
CA ALA D 139 48.85 0.67 -13.75
C ALA D 139 48.77 -0.74 -14.31
N GLU D 140 49.81 -1.55 -14.14
CA GLU D 140 49.71 -2.96 -14.49
C GLU D 140 49.12 -3.80 -13.36
N GLN D 141 49.13 -3.29 -12.13
CA GLN D 141 48.35 -3.90 -11.06
C GLN D 141 46.91 -3.44 -11.08
N ARG D 142 46.64 -2.22 -11.55
CA ARG D 142 45.27 -1.78 -11.76
C ARG D 142 44.57 -2.65 -12.80
N LEU D 143 45.30 -3.05 -13.85
CA LEU D 143 44.74 -3.96 -14.84
C LEU D 143 44.62 -5.37 -14.29
N GLN D 144 45.56 -5.78 -13.44
CA GLN D 144 45.48 -7.11 -12.84
C GLN D 144 44.20 -7.26 -12.03
N CYS D 145 43.84 -6.24 -11.24
CA CYS D 145 42.55 -6.24 -10.58
C CYS D 145 41.42 -6.42 -11.59
N CYS D 146 41.44 -5.61 -12.65
CA CYS D 146 40.39 -5.68 -13.65
C CYS D 146 40.43 -6.99 -14.42
N LEU D 147 41.60 -7.63 -14.52
CA LEU D 147 41.70 -8.91 -15.22
C LEU D 147 41.20 -10.06 -14.35
N GLN D 148 41.36 -9.96 -13.03
CA GLN D 148 40.82 -10.97 -12.14
C GLN D 148 39.31 -10.82 -11.99
N ALA D 149 38.81 -9.58 -12.05
CA ALA D 149 37.37 -9.38 -12.08
C ALA D 149 36.75 -10.11 -13.27
N TYR D 150 37.35 -9.96 -14.45
CA TYR D 150 36.83 -10.63 -15.63
C TYR D 150 36.76 -12.14 -15.44
N ASP D 151 37.80 -12.72 -14.82
CA ASP D 151 37.82 -14.17 -14.62
C ASP D 151 36.84 -14.61 -13.53
N LEU D 152 36.53 -13.71 -12.59
CA LEU D 152 35.59 -14.05 -11.53
C LEU D 152 34.15 -13.93 -11.96
N LEU D 153 33.89 -13.22 -13.07
CA LEU D 153 32.54 -12.90 -13.48
C LEU D 153 31.97 -13.99 -14.39
N LEU D 154 30.68 -14.21 -14.26
CA LEU D 154 29.97 -15.10 -15.15
C LEU D 154 29.72 -14.41 -16.48
N PRO D 155 29.48 -15.17 -17.55
CA PRO D 155 29.11 -14.54 -18.82
C PRO D 155 28.09 -13.43 -18.65
N GLU D 156 28.36 -12.27 -19.24
CA GLU D 156 27.47 -11.11 -19.23
C GLU D 156 27.32 -10.48 -17.85
N GLY D 157 28.18 -10.82 -16.89
CA GLY D 157 28.20 -10.11 -15.63
C GLY D 157 28.79 -8.72 -15.77
N ILE D 158 28.53 -7.89 -14.76
CA ILE D 158 28.91 -6.48 -14.79
C ILE D 158 29.95 -6.21 -13.71
N LEU D 159 30.93 -5.40 -14.05
CA LEU D 159 31.92 -4.89 -13.11
C LEU D 159 31.57 -3.43 -12.83
N VAL D 160 31.19 -3.14 -11.59
CA VAL D 160 30.92 -1.77 -11.18
C VAL D 160 32.25 -1.11 -10.82
N LEU D 161 32.45 0.10 -11.31
CA LEU D 161 33.71 0.82 -11.12
C LEU D 161 33.39 2.27 -10.78
N ILE D 162 33.55 2.63 -9.51
CA ILE D 162 33.45 4.02 -9.09
C ILE D 162 34.87 4.59 -9.02
N THR D 163 35.02 5.82 -9.52
CA THR D 163 36.33 6.44 -9.68
C THR D 163 36.32 7.83 -9.07
N PRO D 164 37.41 8.25 -8.39
CA PRO D 164 37.37 9.58 -7.80
C PRO D 164 37.58 10.74 -8.78
N LEU D 175 42.34 9.26 -18.59
CA LEU D 175 41.19 9.54 -19.44
C LEU D 175 40.24 8.34 -19.46
N MET D 176 38.94 8.61 -19.41
CA MET D 176 37.94 7.54 -19.37
C MET D 176 37.70 6.91 -20.73
N LYS D 177 38.05 7.61 -21.82
CA LYS D 177 38.03 6.98 -23.14
C LYS D 177 39.14 5.95 -23.28
N ASN D 178 40.35 6.26 -22.80
CA ASN D 178 41.41 5.27 -22.77
C ASN D 178 41.12 4.16 -21.77
N TRP D 179 40.23 4.42 -20.80
CA TRP D 179 39.84 3.36 -19.88
C TRP D 179 38.90 2.36 -20.55
N ARG D 180 37.97 2.85 -21.36
CA ARG D 180 37.11 1.95 -22.14
C ARG D 180 37.97 1.03 -23.00
N TYR D 181 38.90 1.60 -23.76
CA TYR D 181 39.72 0.81 -24.67
C TYR D 181 40.52 -0.25 -23.92
N SER D 182 41.14 0.14 -22.80
CA SER D 182 41.98 -0.79 -22.07
C SER D 182 41.16 -1.96 -21.53
N LEU D 183 39.94 -1.69 -21.06
CA LEU D 183 39.08 -2.76 -20.56
C LEU D 183 38.43 -3.56 -21.68
N ALA D 184 38.18 -2.93 -22.82
CA ALA D 184 37.67 -3.69 -23.97
C ALA D 184 38.71 -4.68 -24.48
N ARG D 185 39.99 -4.34 -24.36
CA ARG D 185 41.04 -5.26 -24.81
C ARG D 185 41.05 -6.55 -24.02
N ILE D 186 40.47 -6.57 -22.82
CA ILE D 186 40.44 -7.75 -21.98
C ILE D 186 39.07 -8.41 -21.94
N GLY D 187 38.08 -7.84 -22.62
CA GLY D 187 36.79 -8.49 -22.79
C GLY D 187 35.63 -7.75 -22.14
N LEU D 188 35.88 -6.52 -21.70
CA LEU D 188 34.90 -5.75 -20.95
C LEU D 188 34.51 -4.51 -21.74
N LEU D 189 33.23 -4.40 -22.07
CA LEU D 189 32.66 -3.25 -22.77
C LEU D 189 31.74 -2.49 -21.83
N ARG D 190 31.88 -1.16 -21.79
CA ARG D 190 31.09 -0.35 -20.88
C ARG D 190 29.63 -0.31 -21.31
N VAL D 191 28.74 -0.19 -20.32
CA VAL D 191 27.31 -0.20 -20.57
C VAL D 191 26.61 0.96 -19.86
N ARG D 192 27.30 1.61 -18.91
CA ARG D 192 26.70 2.70 -18.17
C ARG D 192 27.79 3.64 -17.66
N PHE D 193 27.46 4.93 -17.64
CA PHE D 193 28.34 5.98 -17.14
C PHE D 193 27.49 7.13 -16.65
N GLU D 194 27.74 7.58 -15.41
CA GLU D 194 27.07 8.75 -14.87
C GLU D 194 28.02 9.46 -13.91
N LYS D 195 27.96 10.79 -13.94
CA LYS D 195 28.75 11.62 -13.02
C LYS D 195 27.92 11.88 -11.78
N LEU D 196 28.45 11.48 -10.63
CA LEU D 196 27.91 11.82 -9.32
C LEU D 196 28.87 12.78 -8.62
N PRO D 197 28.43 13.44 -7.56
CA PRO D 197 29.31 14.37 -6.85
C PRO D 197 30.66 13.77 -6.52
N HIS D 198 31.72 14.29 -7.14
CA HIS D 198 33.13 14.02 -6.90
C HIS D 198 33.58 12.67 -7.48
N ILE D 199 32.68 11.83 -8.00
CA ILE D 199 33.04 10.52 -8.51
C ILE D 199 32.52 10.36 -9.94
N SER D 200 33.03 9.31 -10.60
CA SER D 200 32.51 8.87 -11.89
C SER D 200 32.13 7.39 -11.75
N CYS D 201 30.84 7.10 -11.94
CA CYS D 201 30.31 5.75 -11.82
C CYS D 201 30.25 5.08 -13.18
N MET D 202 30.89 3.91 -13.29
CA MET D 202 30.94 3.16 -14.54
C MET D 202 30.53 1.72 -14.30
N VAL D 203 30.04 1.08 -15.35
CA VAL D 203 29.72 -0.35 -15.33
C VAL D 203 30.24 -0.96 -16.62
N PHE D 204 30.98 -2.06 -16.49
CA PHE D 204 31.56 -2.78 -17.62
C PHE D 204 31.03 -4.20 -17.63
N ARG D 205 30.57 -4.65 -18.79
CA ARG D 205 29.96 -5.95 -18.96
C ARG D 205 30.95 -6.91 -19.59
N LYS D 206 30.86 -8.18 -19.20
CA LYS D 206 31.64 -9.24 -19.83
C LYS D 206 30.89 -9.67 -21.09
N ALA D 207 31.38 -9.19 -22.24
CA ALA D 207 30.68 -9.42 -23.50
C ALA D 207 30.55 -10.91 -23.79
N ILE D 208 29.57 -11.26 -24.62
CA ILE D 208 29.36 -12.65 -25.00
C ILE D 208 30.63 -13.23 -25.59
N SER D 209 31.41 -12.42 -26.30
CA SER D 209 32.69 -12.85 -26.86
C SER D 209 33.75 -11.83 -26.49
N ARG D 210 34.87 -12.31 -25.96
CA ARG D 210 35.99 -11.42 -25.68
C ARG D 210 36.61 -10.91 -26.97
N GLU D 211 36.66 -11.78 -27.99
CA GLU D 211 37.19 -11.39 -29.28
C GLU D 211 36.36 -10.29 -29.92
N LEU D 212 35.04 -10.33 -29.70
CA LEU D 212 34.19 -9.22 -30.11
C LEU D 212 34.64 -7.93 -29.45
N SER D 213 34.75 -7.95 -28.11
CA SER D 213 35.17 -6.76 -27.37
C SER D 213 36.54 -6.29 -27.81
N GLN D 214 37.47 -7.22 -28.02
CA GLN D 214 38.80 -6.84 -28.49
C GLN D 214 38.72 -6.23 -29.88
N HIS D 215 37.88 -6.78 -30.75
CA HIS D 215 37.69 -6.19 -32.06
C HIS D 215 37.19 -4.76 -31.95
N TRP D 216 36.18 -4.53 -31.10
CA TRP D 216 35.64 -3.19 -30.94
C TRP D 216 36.73 -2.22 -30.49
N ALA D 217 37.65 -2.68 -29.65
CA ALA D 217 38.70 -1.80 -29.14
C ALA D 217 39.72 -1.46 -30.23
N SER D 218 40.10 -2.45 -31.03
CA SER D 218 41.02 -2.19 -32.14
C SER D 218 40.45 -1.13 -33.08
N ILE D 219 39.16 -1.24 -33.42
CA ILE D 219 38.51 -0.25 -34.27
C ILE D 219 38.33 1.06 -33.52
N HIS D 220 38.37 1.03 -32.19
CA HIS D 220 38.14 2.21 -31.37
C HIS D 220 39.34 2.49 -30.48
N SAM E . 5.17 -22.24 15.50
CA SAM E . 5.61 -21.18 14.62
C SAM E . 5.16 -21.57 13.23
O SAM E . 6.04 -21.79 12.34
OXT SAM E . 3.92 -21.67 13.00
CB SAM E . 7.13 -20.98 14.62
CG SAM E . 7.62 -20.32 15.90
SD SAM E . 7.57 -18.50 15.87
CE SAM E . 6.15 -17.92 14.93
C5' SAM E . 9.08 -17.75 15.19
C4' SAM E . 10.11 -18.73 14.75
O4' SAM E . 10.91 -18.07 13.67
C3' SAM E . 11.05 -19.03 15.87
O3' SAM E . 11.24 -20.46 15.94
C2' SAM E . 12.31 -18.35 15.54
O2' SAM E . 13.46 -19.04 16.06
C1' SAM E . 12.34 -18.37 14.06
N9 SAM E . 13.26 -17.45 13.51
C8 SAM E . 13.28 -16.10 13.76
N7 SAM E . 14.30 -15.73 13.00
C5 SAM E . 14.92 -16.75 12.28
C6 SAM E . 15.98 -16.79 11.40
N6 SAM E . 16.73 -15.62 11.03
N1 SAM E . 16.33 -18.04 10.86
C2 SAM E . 15.52 -19.11 11.29
N3 SAM E . 14.54 -18.96 12.14
C4 SAM E . 14.25 -17.87 12.60
HN1 SAM E . 4.51 -22.82 15.02
HN2 SAM E . 5.95 -22.80 15.78
HA SAM E . 5.19 -20.24 14.96
HB1 SAM E . 7.40 -20.35 13.78
HB2 SAM E . 7.60 -21.95 14.52
HG1 SAM E . 7.02 -20.67 16.73
HG2 SAM E . 8.66 -20.62 16.06
HE1 SAM E . 5.23 -18.19 15.43
HE2 SAM E . 6.20 -16.84 14.83
HE3 SAM E . 6.17 -18.37 13.94
H5'1 SAM E . 9.51 -17.12 15.97
H5'2 SAM E . 8.80 -17.15 14.34
H4' SAM E . 9.63 -19.63 14.41
H3' SAM E . 10.68 -18.66 16.81
HO3' SAM E . 11.30 -20.71 16.85
H2' SAM E . 12.34 -17.35 15.97
HO2' SAM E . 13.23 -19.47 16.87
H1' SAM E . 12.66 -19.33 13.68
H8 SAM E . 13.03 -15.65 14.73
HN61 SAM E . 17.50 -15.69 10.39
HN62 SAM E . 16.47 -14.72 11.39
H2 SAM E . 15.42 -19.92 10.59
N SAM F . -4.41 27.30 12.63
CA SAM F . -4.67 28.16 13.79
C SAM F . -5.67 29.26 13.41
O SAM F . -6.54 29.64 14.24
OXT SAM F . -5.63 29.78 12.27
CB SAM F . -3.39 28.79 14.31
CG SAM F . -2.49 29.18 13.15
SD SAM F . -0.94 29.71 13.89
CE SAM F . -0.67 31.39 13.34
C5' SAM F . 0.38 28.70 13.17
C4' SAM F . 0.22 27.35 13.74
O4' SAM F . 0.89 26.34 12.88
C3' SAM F . 0.86 27.31 15.09
O3' SAM F . -0.05 26.69 16.02
C2' SAM F . 2.07 26.51 14.93
O2' SAM F . 2.40 25.82 16.16
C1' SAM F . 1.74 25.55 13.86
N9 SAM F . 2.86 25.00 13.22
C8 SAM F . 3.97 25.73 12.82
N7 SAM F . 4.69 24.75 12.28
C5 SAM F . 4.11 23.49 12.29
C6 SAM F . 4.54 22.25 11.84
N6 SAM F . 5.80 22.05 11.18
N1 SAM F . 3.64 21.17 12.05
C2 SAM F . 2.43 21.50 12.69
N3 SAM F . 2.14 22.71 13.08
C4 SAM F . 2.93 23.63 12.90
HN1 SAM F . -4.93 26.45 12.71
HN2 SAM F . -4.65 27.78 11.79
HA SAM F . -5.11 27.53 14.56
HB1 SAM F . -3.64 29.67 14.89
HB2 SAM F . -2.87 28.07 14.94
HG1 SAM F . -2.34 28.33 12.49
HG2 SAM F . -2.94 29.99 12.59
HE1 SAM F . 0.38 31.65 13.44
HE2 SAM F . -1.27 32.07 13.94
HE3 SAM F . -0.96 31.48 12.29
H5'1 SAM F . 1.35 29.11 13.45
H5'2 SAM F . 0.29 28.67 12.10
H4' SAM F . -0.83 27.10 13.81
H3' SAM F . 1.12 28.30 15.44
HO3' SAM F . -0.39 25.89 15.66
H2' SAM F . 2.93 27.11 14.67
HO2' SAM F . 2.08 26.32 16.90
H1' SAM F . 1.21 24.70 14.30
H8 SAM F . 4.40 26.56 13.38
HN61 SAM F . 6.08 21.14 10.87
HN62 SAM F . 6.42 22.83 11.04
H2 SAM F . 1.99 20.70 13.28
N SAM G . -32.80 5.03 26.13
CA SAM G . -33.12 4.99 27.56
C SAM G . -34.58 5.38 27.76
O SAM G . -34.98 5.79 28.89
OXT SAM G . -35.41 5.28 26.81
CB SAM G . -32.20 5.93 28.36
CG SAM G . -32.31 7.38 27.89
SD SAM G . -31.69 8.44 29.22
CE SAM G . -32.96 9.69 29.60
C5' SAM G . -30.21 9.30 28.60
C4' SAM G . -29.17 8.28 28.32
O4' SAM G . -28.31 8.74 27.20
C3' SAM G . -28.29 8.08 29.51
O3' SAM G . -28.18 6.66 29.78
C2' SAM G . -26.97 8.61 29.17
O2' SAM G . -25.92 7.86 29.81
C1' SAM G . -26.91 8.50 27.69
N9 SAM G . -26.02 9.46 27.12
C8 SAM G . -26.03 10.81 27.39
N7 SAM G . -25.02 11.19 26.62
C5 SAM G . -24.39 10.19 25.89
C6 SAM G . -23.35 10.18 24.99
N6 SAM G . -22.63 11.39 24.63
N1 SAM G . -22.98 8.94 24.45
C2 SAM G . -23.76 7.85 24.87
N3 SAM G . -24.73 7.97 25.72
C4 SAM G . -25.04 9.05 26.20
HN1 SAM G . -33.11 5.87 25.72
HN2 SAM G . -31.81 4.93 25.99
HA SAM G . -32.95 3.98 27.93
HB1 SAM G . -32.47 5.88 29.41
HB2 SAM G . -31.17 5.60 28.23
HG1 SAM G . -31.71 7.52 26.99
HG2 SAM G . -33.35 7.61 27.68
HE1 SAM G . -32.84 10.03 30.62
HE2 SAM G . -33.95 9.25 29.47
HE3 SAM G . -32.86 10.54 28.93
H5'1 SAM G . -29.85 9.99 29.34
H5'2 SAM G . -30.45 9.82 27.68
H4' SAM G . -29.65 7.33 28.08
H3' SAM G . -28.68 8.59 30.38
HO3' SAM G . -27.34 6.48 30.16
H2' SAM G . -26.86 9.64 29.48
HO2' SAM G . -25.11 7.96 29.34
H1' SAM G . -26.54 7.53 27.40
H8 SAM G . -26.27 11.24 28.36
HN61 SAM G . -22.93 12.27 25.00
HN62 SAM G . -21.87 11.35 23.98
H2 SAM G . -23.85 7.04 24.16
N SAM H . 34.35 0.63 -1.26
CA SAM H . 34.41 1.26 0.05
C SAM H . 33.65 2.58 -0.01
O SAM H . 33.95 3.50 0.79
OXT SAM H . 32.74 2.75 -0.86
CB SAM H . 35.85 1.50 0.49
CG SAM H . 36.65 2.22 -0.59
SD SAM H . 38.15 2.87 0.20
CE SAM H . 38.34 4.61 -0.26
C5' SAM H . 39.58 1.96 -0.46
C4' SAM H . 39.46 0.55 -0.01
O4' SAM H . 40.23 -0.35 -0.90
C3' SAM H . 40.03 0.41 1.37
O3' SAM H . 39.07 -0.27 2.20
C2' SAM H . 41.26 -0.38 1.24
O2' SAM H . 41.51 -1.15 2.43
C1' SAM H . 40.99 -1.25 0.08
N9 SAM H . 42.14 -1.78 -0.54
C8 SAM H . 43.23 -1.04 -0.94
N7 SAM H . 43.98 -2.01 -1.45
C5 SAM H . 43.44 -3.29 -1.40
C6 SAM H . 43.90 -4.52 -1.83
N6 SAM H . 45.19 -4.70 -2.46
N1 SAM H . 43.04 -5.63 -1.61
C2 SAM H . 41.82 -5.32 -0.98
N3 SAM H . 41.49 -4.10 -0.62
C4 SAM H . 42.24 -3.15 -0.81
HN1 SAM H . 33.91 1.26 -1.91
HN2 SAM H . 35.27 0.42 -1.58
HA SAM H . 33.97 0.59 0.77
HB1 SAM H . 35.85 2.12 1.39
HB2 SAM H . 36.33 0.55 0.71
HG1 SAM H . 36.06 3.04 -1.00
HG2 SAM H . 36.91 1.53 -1.37
HE1 SAM H . 39.36 4.93 -0.07
HE2 SAM H . 37.66 5.22 0.34
HE3 SAM H . 38.11 4.75 -1.31
H5'1 SAM H . 40.50 2.39 -0.07
H5'2 SAM H . 39.58 2.00 -1.54
H4' SAM H . 38.42 0.27 -0.01
H3' SAM H . 40.27 1.38 1.80
HO3' SAM H . 39.52 -0.71 2.90
H2' SAM H . 42.14 0.23 1.09
HO2' SAM H . 41.95 -1.95 2.21
H1' SAM H . 40.42 -2.10 0.42
H8 SAM H . 43.62 -0.18 -0.41
HN61 SAM H . 45.50 -5.61 -2.75
HN62 SAM H . 45.78 -3.90 -2.62
H2 SAM H . 41.40 -6.11 -0.38
#